data_8QEH
#
_entry.id   8QEH
#
_cell.length_a   72.644
_cell.length_b   95.813
_cell.length_c   126.801
_cell.angle_alpha   90.000
_cell.angle_beta   90.000
_cell.angle_gamma   90.000
#
_symmetry.space_group_name_H-M   'P 21 21 21'
#
loop_
_entity.id
_entity.type
_entity.pdbx_description
1 polymer 'Guanine nucleotide-binding protein subunit alpha-11'
2 polymer 'Guanine nucleotide-binding protein G(I)/G(S)/G(T) subunit beta-1'
3 polymer 'Guanine nucleotide-binding protein G(I)/G(S)/G(O) subunit gamma-2'
4 non-polymer 1,2-ETHANEDIOL
5 non-polymer "GUANOSINE-5'-DIPHOSPHATE"
6 non-polymer 'ZINC ION'
7 non-polymer 'CHLORIDE ION'
8 non-polymer N-METHYL-ALPHA-BETA-DEHYDROALANINE
9 non-polymer '(2R)-2-hydroxy-3-phenylpropanoic acid'
10 non-polymer '(2~{S},3~{R})-2-acetamido-4-methyl-3-oxidanyl-pentanoic acid'
11 non-polymer N,O-dimethyl-L-threonine
12 non-polymer '(2S,3R)-2-amino-3-hydroxy-4-methylpentanoic acid'
13 non-polymer N-methyl-L-alanine
14 non-polymer ALANINE
15 non-polymer 'PROPANOIC ACID'
16 non-polymer 'DIMETHYL SULFOXIDE'
17 water water
#
loop_
_entity_poly.entity_id
_entity_poly.type
_entity_poly.pdbx_seq_one_letter_code
_entity_poly.pdbx_strand_id
1 'polypeptide(L)'
;GCTLSAEDKAAVERSKMIDRNLREDGEKARRELKLLLLGTGESGKSTFIKQMRIIHGAGYSEEDKRGFTKLVYQNIFTAM
QAMIRAMETLKILYKYEQNKANALLIREVDVEKVTTFEHQYVSAIKTLWEDPGIQECYDRRREYQLSDSAKYYLTDVDRI
ATLGYLPTQQDVLRVRVPTTGIIEYPFDLENIIFRMVDVGGQRSERRKWIHCFENVTSIMFLVALSEYDQVLVESDNENR
MEESKALFRTIITYPWFQNSSVILFLNKKDLLEDKILYSHLVDYFPEFDGPQRDAQAAREFILKMFVDLNPDSDKIIYSH
FTCATDTENIRFVFAAVKDTILQLNLKEYNLV
;
A
2 'polypeptide(L)'
;PGSSGSELDQLRQEAEQLKNQIRDARKACADATLSQITNNIDPVGRIQMRTRRTLRGHLAKIYAMHWGTDSRLLVSASQD
GKLIIWDSYTTNKVHAIPLRSSWVMTCAYAPSGNYVACGGLDNICSIYNLKTREGNVRVSRELAGHTGYLSCCRFLDDNQ
IVTSSGDTTCALWDIETGQQTTTFTGHTGDVMSLSLAPDTRLFVSGACDASAKLWDVREGMCRQTFTGHESDINAICFFP
NGNAFATGSDDATCRLFDLRADQELMTYSHDNIICGITSVSFSKSGRLLLAGYDDFNCNVWDALKADRAGVLAGHDNRVS
CLGVTDDGMAVATGSWDSFLKIWN
;
B
3 'polypeptide(L)' MASNNTASIAQARKLVEQLKMEANIDRIKVSKAAADLMAYCEAHAKEDPLLTPVPASENPFREKKFFSAIL G
#
loop_
_chem_comp.id
_chem_comp.type
_chem_comp.name
_chem_comp.formula
CL non-polymer 'CHLORIDE ION' 'Cl -1'
DMS non-polymer 'DIMETHYL SULFOXIDE' 'C2 H6 O S'
EDO non-polymer 1,2-ETHANEDIOL 'C2 H6 O2'
GDP RNA linking GUANOSINE-5'-DIPHOSPHATE 'C10 H15 N5 O11 P2'
HF2 peptide-like '(2R)-2-hydroxy-3-phenylpropanoic acid' 'C9 H10 O3'
PPI non-polymer 'PROPANOIC ACID' 'C3 H6 O2'
UDL non-polymer '(2~{S},3~{R})-2-acetamido-4-methyl-3-oxidanyl-pentanoic acid' 'C8 H15 N O4'
ZN non-polymer 'ZINC ION' 'Zn 2'
#
# COMPACT_ATOMS: atom_id res chain seq x y z
N SER A 5 -43.12 9.65 -13.32
CA SER A 5 -42.28 10.84 -13.61
C SER A 5 -41.38 10.54 -14.80
N ALA A 6 -41.33 11.46 -15.78
CA ALA A 6 -40.39 11.38 -16.88
C ALA A 6 -38.95 11.31 -16.38
N GLU A 7 -38.64 12.15 -15.36
CA GLU A 7 -37.31 12.24 -14.78
C GLU A 7 -36.99 10.94 -14.03
N ASP A 8 -37.97 10.39 -13.30
CA ASP A 8 -37.80 9.15 -12.58
C ASP A 8 -37.57 7.99 -13.55
N LYS A 9 -38.29 7.99 -14.68
N LYS A 9 -38.31 8.00 -14.68
CA LYS A 9 -38.15 6.95 -15.69
CA LYS A 9 -38.16 6.96 -15.70
C LYS A 9 -36.77 7.04 -16.34
C LYS A 9 -36.75 7.04 -16.30
N ALA A 10 -36.29 8.26 -16.60
CA ALA A 10 -34.98 8.46 -17.21
C ALA A 10 -33.88 7.97 -16.28
N ALA A 11 -34.06 8.16 -14.97
CA ALA A 11 -33.06 7.72 -14.00
C ALA A 11 -32.98 6.20 -13.94
N VAL A 12 -34.14 5.54 -14.01
CA VAL A 12 -34.15 4.08 -14.09
C VAL A 12 -33.44 3.59 -15.37
N GLU A 13 -33.73 4.20 -16.53
CA GLU A 13 -33.06 3.79 -17.77
C GLU A 13 -31.56 4.05 -17.69
N ARG A 14 -31.13 5.17 -17.10
CA ARG A 14 -29.70 5.39 -16.89
C ARG A 14 -29.09 4.26 -16.06
N SER A 15 -29.75 3.86 -14.97
CA SER A 15 -29.27 2.76 -14.14
C SER A 15 -29.15 1.47 -14.96
N LYS A 16 -30.15 1.16 -15.79
CA LYS A 16 -30.12 -0.05 -16.61
C LYS A 16 -28.99 -0.02 -17.66
N MET A 17 -28.72 1.15 -18.25
CA MET A 17 -27.62 1.29 -19.19
C MET A 17 -26.29 1.04 -18.47
N ILE A 18 -26.18 1.52 -17.23
CA ILE A 18 -24.98 1.25 -16.42
C ILE A 18 -24.86 -0.26 -16.16
N ASP A 19 -25.96 -0.92 -15.76
CA ASP A 19 -25.93 -2.36 -15.54
C ASP A 19 -25.46 -3.12 -16.79
N ARG A 20 -25.88 -2.67 -17.99
CA ARG A 20 -25.43 -3.26 -19.26
C ARG A 20 -23.90 -3.17 -19.33
N ASN A 21 -23.36 -1.99 -19.02
CA ASN A 21 -21.94 -1.74 -19.15
C ASN A 21 -21.19 -2.58 -18.12
N LEU A 22 -21.75 -2.71 -16.91
CA LEU A 22 -21.09 -3.53 -15.90
C LEU A 22 -21.13 -5.02 -16.27
N ARG A 23 -22.20 -5.47 -16.92
CA ARG A 23 -22.25 -6.86 -17.34
C ARG A 23 -21.20 -7.09 -18.44
N GLU A 24 -21.08 -6.15 -19.39
CA GLU A 24 -20.10 -6.30 -20.47
C GLU A 24 -18.70 -6.35 -19.86
N ASP A 25 -18.44 -5.48 -18.89
CA ASP A 25 -17.12 -5.39 -18.29
C ASP A 25 -16.82 -6.67 -17.52
N GLY A 26 -17.84 -7.21 -16.85
CA GLY A 26 -17.74 -8.48 -16.14
C GLY A 26 -17.43 -9.66 -17.05
N GLU A 27 -18.01 -9.68 -18.25
CA GLU A 27 -17.71 -10.71 -19.24
C GLU A 27 -16.23 -10.67 -19.61
N LYS A 28 -15.71 -9.45 -19.85
CA LYS A 28 -14.30 -9.28 -20.19
C LYS A 28 -13.41 -9.69 -19.00
N ALA A 29 -13.78 -9.30 -17.79
CA ALA A 29 -12.98 -9.60 -16.63
C ALA A 29 -12.81 -11.11 -16.47
N ARG A 30 -13.80 -11.92 -16.90
CA ARG A 30 -13.68 -13.38 -16.79
C ARG A 30 -12.68 -13.95 -17.81
N ARG A 31 -12.25 -13.14 -18.79
N ARG A 31 -12.26 -13.16 -18.80
CA ARG A 31 -11.22 -13.53 -19.75
CA ARG A 31 -11.21 -13.56 -19.73
C ARG A 31 -9.84 -13.09 -19.26
C ARG A 31 -9.84 -13.06 -19.28
N GLU A 32 -9.76 -12.43 -18.10
CA GLU A 32 -8.51 -11.93 -17.58
C GLU A 32 -7.88 -12.99 -16.69
N LEU A 33 -6.57 -13.15 -16.84
CA LEU A 33 -5.79 -13.99 -15.96
C LEU A 33 -4.67 -13.17 -15.31
N LYS A 34 -4.64 -13.15 -13.98
CA LYS A 34 -3.64 -12.38 -13.26
C LYS A 34 -2.43 -13.26 -12.99
N LEU A 35 -1.27 -12.79 -13.46
CA LEU A 35 0.02 -13.42 -13.26
C LEU A 35 0.83 -12.53 -12.33
N LEU A 36 0.98 -12.98 -11.08
CA LEU A 36 1.70 -12.21 -10.09
C LEU A 36 3.17 -12.63 -10.02
N LEU A 37 4.06 -11.72 -10.43
CA LEU A 37 5.50 -11.93 -10.36
C LEU A 37 5.98 -11.61 -8.96
N LEU A 38 6.71 -12.55 -8.37
CA LEU A 38 7.30 -12.39 -7.04
C LEU A 38 8.75 -12.84 -7.11
N GLY A 39 9.51 -12.43 -6.10
CA GLY A 39 10.93 -12.70 -6.05
C GLY A 39 11.68 -11.50 -5.50
N THR A 40 12.86 -11.76 -4.95
CA THR A 40 13.62 -10.69 -4.34
C THR A 40 14.10 -9.71 -5.41
N GLY A 41 14.57 -8.54 -4.98
CA GLY A 41 15.12 -7.55 -5.90
C GLY A 41 16.24 -8.14 -6.75
N GLU A 42 16.30 -7.70 -8.02
CA GLU A 42 17.31 -8.09 -9.00
C GLU A 42 17.11 -9.50 -9.53
N SER A 43 15.97 -10.14 -9.23
N SER A 43 15.98 -10.15 -9.25
CA SER A 43 15.71 -11.52 -9.66
CA SER A 43 15.78 -11.52 -9.69
C SER A 43 15.30 -11.61 -11.13
C SER A 43 15.33 -11.61 -11.16
N GLY A 44 14.79 -10.51 -11.74
CA GLY A 44 14.40 -10.53 -13.14
C GLY A 44 12.97 -10.11 -13.45
N LYS A 45 12.22 -9.65 -12.44
CA LYS A 45 10.79 -9.39 -12.61
C LYS A 45 10.53 -8.28 -13.64
N SER A 46 11.19 -7.13 -13.51
CA SER A 46 10.89 -6.02 -14.40
C SER A 46 11.33 -6.35 -15.83
N THR A 47 12.41 -7.13 -15.96
CA THR A 47 12.91 -7.52 -17.26
C THR A 47 11.88 -8.44 -17.94
N PHE A 48 11.30 -9.37 -17.17
CA PHE A 48 10.27 -10.26 -17.69
C PHE A 48 9.09 -9.45 -18.22
N ILE A 49 8.67 -8.42 -17.49
CA ILE A 49 7.58 -7.58 -17.93
C ILE A 49 7.89 -6.89 -19.25
N LYS A 50 9.09 -6.33 -19.38
CA LYS A 50 9.51 -5.69 -20.62
C LYS A 50 9.50 -6.69 -21.78
N GLN A 51 9.95 -7.93 -21.52
CA GLN A 51 9.91 -8.96 -22.57
C GLN A 51 8.47 -9.22 -23.03
N MET A 52 7.49 -9.21 -22.12
CA MET A 52 6.11 -9.44 -22.51
C MET A 52 5.64 -8.32 -23.44
N ARG A 53 6.12 -7.09 -23.20
CA ARG A 53 5.74 -5.98 -24.08
C ARG A 53 6.39 -6.13 -25.45
N ILE A 54 7.63 -6.62 -25.49
CA ILE A 54 8.33 -6.88 -26.75
C ILE A 54 7.65 -8.01 -27.52
N ILE A 55 7.33 -9.12 -26.83
CA ILE A 55 6.89 -10.34 -27.50
C ILE A 55 5.39 -10.27 -27.84
N HIS A 56 4.56 -9.72 -26.94
CA HIS A 56 3.12 -9.79 -27.07
C HIS A 56 2.44 -8.44 -27.00
N GLY A 57 3.21 -7.35 -26.90
CA GLY A 57 2.68 -6.01 -26.88
C GLY A 57 3.24 -5.09 -27.96
N ALA A 58 3.25 -3.79 -27.68
CA ALA A 58 3.60 -2.77 -28.63
C ALA A 58 5.10 -2.60 -28.85
N GLY A 59 5.93 -3.32 -28.08
CA GLY A 59 7.37 -3.17 -28.18
C GLY A 59 7.84 -1.77 -27.80
N TYR A 60 9.03 -1.41 -28.29
CA TYR A 60 9.70 -0.16 -27.99
C TYR A 60 10.05 0.55 -29.29
N SER A 61 9.32 1.64 -29.55
CA SER A 61 9.58 2.52 -30.68
C SER A 61 10.77 3.40 -30.39
N GLU A 62 11.22 4.15 -31.41
N GLU A 62 11.22 4.18 -31.39
CA GLU A 62 12.26 5.15 -31.24
CA GLU A 62 12.32 5.11 -31.19
C GLU A 62 11.90 6.13 -30.13
C GLU A 62 11.93 6.16 -30.15
N GLU A 63 10.64 6.55 -30.09
CA GLU A 63 10.19 7.53 -29.10
C GLU A 63 10.26 6.93 -27.69
N ASP A 64 9.82 5.67 -27.53
CA ASP A 64 9.91 4.95 -26.26
C ASP A 64 11.38 4.89 -25.80
N LYS A 65 12.26 4.45 -26.71
CA LYS A 65 13.67 4.36 -26.40
C LYS A 65 14.23 5.70 -25.90
N ARG A 66 13.87 6.80 -26.57
CA ARG A 66 14.33 8.12 -26.19
C ARG A 66 13.92 8.44 -24.73
N GLY A 67 12.72 8.00 -24.33
CA GLY A 67 12.24 8.25 -22.98
C GLY A 67 13.09 7.59 -21.89
N PHE A 68 13.78 6.48 -22.20
CA PHE A 68 14.56 5.75 -21.21
C PHE A 68 15.98 6.31 -21.06
N THR A 69 16.38 7.27 -21.90
CA THR A 69 17.73 7.79 -21.93
C THR A 69 18.24 8.18 -20.55
N LYS A 70 17.50 9.04 -19.83
CA LYS A 70 18.04 9.55 -18.57
C LYS A 70 18.22 8.40 -17.56
N LEU A 71 17.38 7.36 -17.65
CA LEU A 71 17.47 6.25 -16.71
C LEU A 71 18.74 5.43 -16.95
N VAL A 72 19.17 5.34 -18.21
CA VAL A 72 20.44 4.70 -18.54
C VAL A 72 21.57 5.47 -17.85
N TYR A 73 21.56 6.80 -17.93
CA TYR A 73 22.55 7.61 -17.25
C TYR A 73 22.53 7.32 -15.75
N GLN A 74 21.32 7.25 -15.17
CA GLN A 74 21.18 7.02 -13.73
C GLN A 74 21.69 5.65 -13.33
N ASN A 75 21.50 4.61 -14.15
CA ASN A 75 22.02 3.30 -13.84
C ASN A 75 23.55 3.38 -13.76
N ILE A 76 24.17 4.16 -14.66
CA ILE A 76 25.63 4.30 -14.69
C ILE A 76 26.10 4.94 -13.39
N PHE A 77 25.46 6.04 -12.96
CA PHE A 77 25.87 6.70 -11.74
C PHE A 77 25.67 5.81 -10.50
N THR A 78 24.54 5.12 -10.43
CA THR A 78 24.24 4.20 -9.34
C THR A 78 25.30 3.10 -9.22
N ALA A 79 25.68 2.51 -10.37
CA ALA A 79 26.68 1.44 -10.38
C ALA A 79 28.02 1.98 -9.88
N MET A 80 28.47 3.10 -10.44
CA MET A 80 29.77 3.63 -10.04
C MET A 80 29.76 4.10 -8.58
N GLN A 81 28.63 4.64 -8.09
CA GLN A 81 28.55 5.00 -6.69
C GLN A 81 28.69 3.76 -5.79
N ALA A 82 28.09 2.64 -6.20
CA ALA A 82 28.18 1.41 -5.44
C ALA A 82 29.63 0.94 -5.35
N MET A 83 30.37 1.04 -6.47
CA MET A 83 31.76 0.58 -6.49
C MET A 83 32.67 1.53 -5.69
N ILE A 84 32.43 2.85 -5.80
CA ILE A 84 33.16 3.83 -4.99
C ILE A 84 32.99 3.54 -3.49
N ARG A 85 31.77 3.22 -3.05
N ARG A 85 31.77 3.23 -3.06
CA ARG A 85 31.52 2.90 -1.64
CA ARG A 85 31.48 2.89 -1.67
C ARG A 85 32.21 1.60 -1.26
C ARG A 85 32.23 1.62 -1.27
N ALA A 86 32.21 0.62 -2.18
CA ALA A 86 32.81 -0.67 -1.90
C ALA A 86 34.33 -0.55 -1.79
N MET A 87 34.95 0.38 -2.56
CA MET A 87 36.38 0.64 -2.45
C MET A 87 36.72 1.00 -1.01
N GLU A 88 35.88 1.83 -0.38
CA GLU A 88 36.08 2.28 0.99
C GLU A 88 35.84 1.14 1.98
N THR A 89 34.70 0.44 1.81
N THR A 89 34.71 0.43 1.85
CA THR A 89 34.26 -0.59 2.75
CA THR A 89 34.35 -0.56 2.85
C THR A 89 35.19 -1.80 2.71
C THR A 89 35.22 -1.82 2.74
N LEU A 90 35.64 -2.20 1.52
CA LEU A 90 36.55 -3.33 1.36
C LEU A 90 38.03 -2.91 1.43
N LYS A 91 38.30 -1.59 1.52
CA LYS A 91 39.66 -1.07 1.64
C LYS A 91 40.53 -1.44 0.45
N ILE A 92 40.06 -1.11 -0.76
CA ILE A 92 40.81 -1.30 -1.98
C ILE A 92 41.32 0.05 -2.48
N LEU A 93 42.59 0.09 -2.94
CA LEU A 93 43.26 1.31 -3.34
C LEU A 93 43.06 1.56 -4.83
N TYR A 94 42.87 2.84 -5.19
CA TYR A 94 42.98 3.27 -6.57
C TYR A 94 44.45 3.29 -6.97
N LYS A 95 44.71 2.88 -8.23
CA LYS A 95 46.02 3.01 -8.84
C LYS A 95 46.30 4.46 -9.20
N TYR A 96 45.25 5.20 -9.62
CA TYR A 96 45.46 6.54 -10.17
C TYR A 96 45.02 7.59 -9.15
N GLU A 97 45.95 8.50 -8.81
CA GLU A 97 45.71 9.55 -7.82
C GLU A 97 44.51 10.41 -8.21
N GLN A 98 44.33 10.67 -9.52
CA GLN A 98 43.24 11.50 -10.02
C GLN A 98 41.87 10.93 -9.60
N ASN A 99 41.79 9.62 -9.33
CA ASN A 99 40.52 8.97 -9.05
C ASN A 99 40.02 9.28 -7.63
N LYS A 100 40.87 9.84 -6.76
CA LYS A 100 40.38 10.35 -5.49
C LYS A 100 39.34 11.45 -5.74
N ALA A 101 39.69 12.39 -6.63
CA ALA A 101 38.82 13.51 -6.96
C ALA A 101 37.64 13.05 -7.83
N ASN A 102 37.90 12.10 -8.74
CA ASN A 102 36.85 11.58 -9.61
C ASN A 102 35.80 10.86 -8.76
N ALA A 103 36.25 10.11 -7.75
CA ALA A 103 35.34 9.36 -6.89
C ALA A 103 34.49 10.32 -6.06
N LEU A 104 35.07 11.41 -5.58
CA LEU A 104 34.32 12.39 -4.79
C LEU A 104 33.25 13.05 -5.67
N LEU A 105 33.62 13.40 -6.91
CA LEU A 105 32.68 14.04 -7.83
C LEU A 105 31.49 13.12 -8.09
N ILE A 106 31.76 11.83 -8.35
CA ILE A 106 30.69 10.92 -8.71
C ILE A 106 29.85 10.62 -7.46
N ARG A 107 30.51 10.49 -6.31
CA ARG A 107 29.87 10.19 -5.04
C ARG A 107 28.78 11.20 -4.72
N GLU A 108 29.00 12.47 -5.10
CA GLU A 108 28.15 13.56 -4.71
C GLU A 108 26.99 13.80 -5.69
N VAL A 109 26.93 13.03 -6.78
CA VAL A 109 25.85 13.19 -7.74
C VAL A 109 24.53 12.76 -7.10
N ASP A 110 23.52 13.61 -7.27
CA ASP A 110 22.14 13.30 -6.92
C ASP A 110 21.52 12.59 -8.12
N VAL A 111 21.44 11.26 -8.03
CA VAL A 111 21.10 10.42 -9.17
C VAL A 111 19.68 10.74 -9.65
N GLU A 112 18.75 11.03 -8.71
CA GLU A 112 17.35 11.29 -8.99
C GLU A 112 17.21 12.49 -9.93
N LYS A 113 18.16 13.45 -9.86
CA LYS A 113 18.12 14.68 -10.64
C LYS A 113 18.90 14.62 -11.95
N VAL A 114 19.52 13.48 -12.27
CA VAL A 114 20.31 13.36 -13.48
C VAL A 114 19.38 13.34 -14.70
N THR A 115 19.60 14.28 -15.63
CA THR A 115 18.91 14.28 -16.90
C THR A 115 19.88 14.35 -18.08
N THR A 116 21.18 14.53 -17.81
CA THR A 116 22.21 14.67 -18.82
C THR A 116 23.45 13.88 -18.40
N PHE A 117 24.38 13.73 -19.35
CA PHE A 117 25.61 12.99 -19.14
C PHE A 117 26.75 13.85 -19.68
N GLU A 118 27.14 14.86 -18.90
N GLU A 118 27.13 14.87 -18.91
CA GLU A 118 28.06 15.91 -19.34
CA GLU A 118 28.04 15.91 -19.35
C GLU A 118 29.49 15.39 -19.34
C GLU A 118 29.49 15.42 -19.33
N HIS A 119 30.33 16.05 -20.17
CA HIS A 119 31.72 15.63 -20.37
C HIS A 119 32.49 15.46 -19.05
N GLN A 120 32.36 16.42 -18.10
CA GLN A 120 33.00 16.28 -16.79
C GLN A 120 32.78 14.88 -16.16
N TYR A 121 31.52 14.40 -16.19
CA TYR A 121 31.13 13.18 -15.51
C TYR A 121 31.54 11.96 -16.32
N VAL A 122 31.46 12.06 -17.65
CA VAL A 122 31.82 10.97 -18.54
C VAL A 122 33.30 10.64 -18.33
N SER A 123 34.14 11.68 -18.28
CA SER A 123 35.58 11.52 -18.10
C SER A 123 35.87 10.87 -16.75
N ALA A 124 35.20 11.34 -15.68
CA ALA A 124 35.39 10.80 -14.34
C ALA A 124 35.00 9.31 -14.31
N ILE A 125 33.87 8.97 -14.94
N ILE A 125 33.83 8.97 -14.91
CA ILE A 125 33.38 7.59 -14.89
CA ILE A 125 33.36 7.60 -14.91
C ILE A 125 34.31 6.67 -15.68
C ILE A 125 34.37 6.70 -15.64
N LYS A 126 34.80 7.13 -16.83
CA LYS A 126 35.71 6.32 -17.65
C LYS A 126 37.03 6.11 -16.90
N THR A 127 37.55 7.17 -16.27
CA THR A 127 38.83 7.07 -15.59
C THR A 127 38.73 6.14 -14.38
N LEU A 128 37.60 6.20 -13.65
CA LEU A 128 37.35 5.29 -12.55
C LEU A 128 37.26 3.85 -13.07
N TRP A 129 36.44 3.61 -14.10
CA TRP A 129 36.24 2.25 -14.58
C TRP A 129 37.54 1.58 -15.06
N GLU A 130 38.47 2.41 -15.57
CA GLU A 130 39.73 1.93 -16.13
C GLU A 130 40.78 1.71 -15.04
N ASP A 131 40.48 2.10 -13.79
CA ASP A 131 41.42 1.93 -12.69
C ASP A 131 41.46 0.46 -12.31
N PRO A 132 42.66 -0.19 -12.28
CA PRO A 132 42.74 -1.59 -11.86
C PRO A 132 42.16 -1.88 -10.48
N GLY A 133 42.19 -0.88 -9.58
CA GLY A 133 41.57 -1.00 -8.27
C GLY A 133 40.05 -1.16 -8.35
N ILE A 134 39.39 -0.39 -9.23
CA ILE A 134 37.96 -0.51 -9.45
C ILE A 134 37.64 -1.87 -10.11
N GLN A 135 38.51 -2.34 -11.01
CA GLN A 135 38.35 -3.66 -11.63
C GLN A 135 38.48 -4.76 -10.58
N GLU A 136 39.42 -4.60 -9.64
CA GLU A 136 39.56 -5.54 -8.53
C GLU A 136 38.29 -5.51 -7.66
N CYS A 137 37.75 -4.32 -7.40
CA CYS A 137 36.51 -4.17 -6.64
C CYS A 137 35.32 -4.81 -7.35
N TYR A 138 35.21 -4.61 -8.68
CA TYR A 138 34.18 -5.26 -9.48
C TYR A 138 34.24 -6.79 -9.36
N ASP A 139 35.45 -7.35 -9.32
CA ASP A 139 35.62 -8.79 -9.17
C ASP A 139 35.17 -9.29 -7.79
N ARG A 140 35.00 -8.37 -6.82
CA ARG A 140 34.56 -8.73 -5.48
C ARG A 140 33.09 -8.36 -5.25
N ARG A 141 32.33 -8.17 -6.33
CA ARG A 141 30.94 -7.74 -6.23
C ARG A 141 30.03 -8.73 -5.50
N ARG A 142 30.41 -10.01 -5.33
CA ARG A 142 29.56 -10.91 -4.56
C ARG A 142 29.46 -10.47 -3.10
N GLU A 143 30.37 -9.58 -2.68
CA GLU A 143 30.44 -9.14 -1.30
C GLU A 143 29.62 -7.87 -1.07
N TYR A 144 29.03 -7.25 -2.12
CA TYR A 144 28.22 -6.03 -1.95
C TYR A 144 27.06 -6.08 -2.94
N GLN A 145 26.37 -4.96 -3.16
CA GLN A 145 25.23 -4.94 -4.07
C GLN A 145 25.58 -4.11 -5.30
N LEU A 146 25.71 -4.81 -6.45
CA LEU A 146 25.98 -4.18 -7.73
C LEU A 146 25.05 -4.80 -8.77
N SER A 147 24.43 -3.94 -9.58
CA SER A 147 23.63 -4.40 -10.71
C SER A 147 24.41 -5.38 -11.58
N ASP A 148 23.72 -6.44 -12.05
CA ASP A 148 24.30 -7.37 -13.01
C ASP A 148 24.42 -6.74 -14.42
N SER A 149 23.96 -5.51 -14.60
CA SER A 149 24.12 -4.77 -15.84
C SER A 149 25.14 -3.64 -15.75
N ALA A 150 25.82 -3.52 -14.61
CA ALA A 150 26.80 -2.45 -14.42
C ALA A 150 27.92 -2.52 -15.46
N LYS A 151 28.51 -3.70 -15.62
N LYS A 151 28.52 -3.70 -15.60
CA LYS A 151 29.61 -3.89 -16.56
CA LYS A 151 29.62 -3.86 -16.56
C LYS A 151 29.15 -3.62 -17.99
C LYS A 151 29.14 -3.57 -17.98
N TYR A 152 27.94 -4.05 -18.34
CA TYR A 152 27.35 -3.80 -19.65
C TYR A 152 27.33 -2.29 -19.98
N TYR A 153 26.77 -1.49 -19.07
CA TYR A 153 26.67 -0.06 -19.34
C TYR A 153 28.04 0.63 -19.33
N LEU A 154 28.92 0.28 -18.40
CA LEU A 154 30.22 0.93 -18.28
C LEU A 154 31.14 0.59 -19.46
N THR A 155 31.05 -0.64 -19.97
CA THR A 155 31.77 -1.06 -21.16
C THR A 155 31.33 -0.22 -22.37
N ASP A 156 30.06 0.19 -22.39
CA ASP A 156 29.46 0.90 -23.51
C ASP A 156 29.30 2.39 -23.21
N VAL A 157 30.09 2.92 -22.28
CA VAL A 157 29.94 4.31 -21.88
C VAL A 157 30.17 5.26 -23.08
N ASP A 158 31.12 4.96 -23.98
CA ASP A 158 31.39 5.84 -25.10
C ASP A 158 30.14 6.00 -25.98
N ARG A 159 29.46 4.89 -26.29
CA ARG A 159 28.23 4.89 -27.08
C ARG A 159 27.17 5.73 -26.36
N ILE A 160 27.03 5.51 -25.05
CA ILE A 160 25.98 6.14 -24.26
C ILE A 160 26.25 7.65 -24.10
N ALA A 161 27.53 8.06 -24.12
CA ALA A 161 27.91 9.46 -23.92
C ALA A 161 27.88 10.27 -25.22
N THR A 162 27.77 9.60 -26.38
CA THR A 162 27.82 10.27 -27.66
C THR A 162 26.58 11.14 -27.86
N LEU A 163 26.77 12.38 -28.36
CA LEU A 163 25.64 13.24 -28.68
C LEU A 163 24.76 12.49 -29.69
N GLY A 164 23.46 12.45 -29.41
CA GLY A 164 22.52 11.77 -30.28
C GLY A 164 22.26 10.33 -29.84
N TYR A 165 22.91 9.89 -28.74
CA TYR A 165 22.67 8.56 -28.19
C TYR A 165 21.17 8.27 -28.13
N LEU A 166 20.78 7.12 -28.70
CA LEU A 166 19.45 6.54 -28.58
C LEU A 166 19.58 5.15 -28.00
N PRO A 167 18.98 4.86 -26.83
CA PRO A 167 19.02 3.51 -26.26
C PRO A 167 18.59 2.41 -27.22
N THR A 168 19.34 1.30 -27.18
CA THR A 168 18.96 0.07 -27.85
C THR A 168 17.91 -0.69 -27.04
N GLN A 169 17.32 -1.71 -27.67
CA GLN A 169 16.38 -2.58 -26.98
C GLN A 169 17.05 -3.26 -25.78
N GLN A 170 18.32 -3.69 -25.92
CA GLN A 170 19.03 -4.27 -24.79
C GLN A 170 19.23 -3.22 -23.67
N ASP A 171 19.58 -1.98 -24.03
CA ASP A 171 19.72 -0.93 -23.03
C ASP A 171 18.41 -0.79 -22.23
N VAL A 172 17.25 -0.86 -22.93
CA VAL A 172 15.95 -0.76 -22.30
C VAL A 172 15.69 -1.97 -21.40
N LEU A 173 16.00 -3.18 -21.89
CA LEU A 173 15.77 -4.39 -21.13
C LEU A 173 16.54 -4.37 -19.81
N ARG A 174 17.71 -3.71 -19.78
CA ARG A 174 18.59 -3.75 -18.62
C ARG A 174 18.38 -2.60 -17.64
N VAL A 175 17.65 -1.54 -18.04
CA VAL A 175 17.64 -0.30 -17.26
C VAL A 175 16.71 -0.43 -16.06
N ARG A 176 17.09 0.22 -14.94
CA ARG A 176 16.19 0.27 -13.80
C ARG A 176 15.16 1.39 -14.01
N VAL A 177 13.89 1.00 -13.98
CA VAL A 177 12.77 1.93 -14.00
C VAL A 177 12.29 2.09 -12.57
N PRO A 178 12.56 3.23 -11.92
CA PRO A 178 12.21 3.36 -10.52
C PRO A 178 10.71 3.60 -10.34
N THR A 179 10.10 2.83 -9.44
CA THR A 179 8.75 3.09 -9.01
C THR A 179 8.54 2.43 -7.65
N THR A 180 7.75 3.09 -6.79
CA THR A 180 7.40 2.53 -5.50
C THR A 180 5.89 2.23 -5.41
N GLY A 181 5.20 2.22 -6.56
CA GLY A 181 3.84 1.72 -6.62
C GLY A 181 3.74 0.43 -7.41
N ILE A 182 2.51 -0.09 -7.50
CA ILE A 182 2.26 -1.34 -8.20
C ILE A 182 2.54 -1.19 -9.71
N ILE A 183 3.11 -2.25 -10.29
CA ILE A 183 3.35 -2.37 -11.73
C ILE A 183 2.36 -3.38 -12.31
N GLU A 184 1.51 -2.93 -13.23
CA GLU A 184 0.64 -3.83 -13.96
C GLU A 184 0.86 -3.64 -15.46
N TYR A 185 1.15 -4.75 -16.14
CA TYR A 185 1.30 -4.72 -17.59
C TYR A 185 0.36 -5.76 -18.22
N PRO A 186 -0.78 -5.32 -18.79
CA PRO A 186 -1.70 -6.24 -19.45
C PRO A 186 -1.37 -6.41 -20.93
N PHE A 187 -1.59 -7.60 -21.43
CA PHE A 187 -1.41 -7.88 -22.84
C PHE A 187 -2.39 -8.95 -23.28
N ASP A 188 -2.75 -8.87 -24.56
CA ASP A 188 -3.70 -9.77 -25.17
C ASP A 188 -2.95 -10.93 -25.79
N LEU A 189 -3.50 -12.13 -25.61
CA LEU A 189 -2.98 -13.26 -26.34
C LEU A 189 -4.09 -14.29 -26.44
N GLU A 190 -4.48 -14.60 -27.68
CA GLU A 190 -5.42 -15.67 -27.96
C GLU A 190 -6.71 -15.46 -27.18
N ASN A 191 -7.25 -14.23 -27.20
CA ASN A 191 -8.56 -13.91 -26.63
C ASN A 191 -8.57 -13.99 -25.10
N ILE A 192 -7.37 -14.01 -24.49
CA ILE A 192 -7.21 -13.94 -23.05
C ILE A 192 -6.45 -12.65 -22.76
N ILE A 193 -6.79 -12.02 -21.65
CA ILE A 193 -6.04 -10.86 -21.23
C ILE A 193 -5.16 -11.29 -20.07
N PHE A 194 -3.84 -11.23 -20.27
CA PHE A 194 -2.87 -11.52 -19.22
C PHE A 194 -2.54 -10.21 -18.51
N ARG A 195 -2.80 -10.19 -17.20
CA ARG A 195 -2.47 -9.03 -16.38
C ARG A 195 -1.25 -9.40 -15.54
N MET A 196 -0.07 -8.94 -16.00
N MET A 196 -0.07 -8.94 -15.95
CA MET A 196 1.20 -9.15 -15.30
CA MET A 196 1.14 -9.30 -15.24
C MET A 196 1.27 -8.16 -14.15
C MET A 196 1.43 -8.21 -14.21
N VAL A 197 1.59 -8.62 -12.95
CA VAL A 197 1.64 -7.69 -11.82
C VAL A 197 2.96 -7.89 -11.07
N ASP A 198 3.61 -6.78 -10.73
CA ASP A 198 4.88 -6.79 -9.99
C ASP A 198 4.73 -5.78 -8.86
N VAL A 199 4.87 -6.27 -7.60
CA VAL A 199 4.75 -5.43 -6.41
C VAL A 199 6.12 -5.12 -5.84
N GLY A 200 7.20 -5.45 -6.55
CA GLY A 200 8.50 -5.38 -5.90
C GLY A 200 9.03 -3.98 -5.69
N GLY A 201 8.41 -2.98 -6.32
CA GLY A 201 8.79 -1.60 -6.04
C GLY A 201 8.20 -1.07 -4.74
N GLN A 202 7.15 -1.73 -4.22
CA GLN A 202 6.48 -1.28 -3.02
C GLN A 202 7.35 -1.51 -1.79
N ARG A 203 7.42 -0.47 -0.95
CA ARG A 203 8.30 -0.46 0.23
C ARG A 203 7.50 -0.50 1.53
N SER A 204 6.18 -0.60 1.43
CA SER A 204 5.23 -0.52 2.55
C SER A 204 4.99 -1.91 3.16
N GLU A 205 4.09 -1.97 4.16
CA GLU A 205 3.86 -3.20 4.92
C GLU A 205 2.99 -4.15 4.11
N ARG A 206 3.55 -5.27 3.66
CA ARG A 206 2.87 -6.22 2.78
C ARG A 206 1.59 -6.77 3.42
N ARG A 207 1.54 -6.86 4.75
N ARG A 207 1.55 -6.85 4.75
CA ARG A 207 0.38 -7.38 5.45
CA ARG A 207 0.39 -7.39 5.44
C ARG A 207 -0.87 -6.56 5.11
C ARG A 207 -0.87 -6.56 5.11
N LYS A 208 -0.70 -5.27 4.80
CA LYS A 208 -1.83 -4.39 4.58
C LYS A 208 -2.41 -4.49 3.16
N TRP A 209 -1.69 -5.16 2.23
CA TRP A 209 -2.18 -5.26 0.86
C TRP A 209 -2.10 -6.66 0.24
N ILE A 210 -1.56 -7.66 0.95
CA ILE A 210 -1.38 -8.98 0.37
C ILE A 210 -2.74 -9.60 0.01
N HIS A 211 -3.80 -9.28 0.75
CA HIS A 211 -5.10 -9.87 0.46
C HIS A 211 -5.72 -9.34 -0.84
N CYS A 212 -5.14 -8.29 -1.45
CA CYS A 212 -5.54 -7.80 -2.76
C CYS A 212 -5.28 -8.90 -3.80
N PHE A 213 -4.48 -9.91 -3.46
CA PHE A 213 -4.01 -10.92 -4.41
C PHE A 213 -4.57 -12.31 -4.13
N GLU A 214 -5.62 -12.44 -3.33
CA GLU A 214 -6.26 -13.73 -3.07
C GLU A 214 -6.65 -14.36 -4.41
N ASN A 215 -6.29 -15.64 -4.55
CA ASN A 215 -6.72 -16.46 -5.66
C ASN A 215 -6.31 -15.89 -7.03
N VAL A 216 -5.20 -15.16 -7.14
CA VAL A 216 -4.61 -14.83 -8.44
C VAL A 216 -4.48 -16.14 -9.23
N THR A 217 -4.55 -16.07 -10.56
CA THR A 217 -4.47 -17.27 -11.37
C THR A 217 -3.14 -18.00 -11.17
N SER A 218 -2.05 -17.24 -11.18
N SER A 218 -2.03 -17.27 -11.34
CA SER A 218 -0.74 -17.84 -11.20
CA SER A 218 -0.71 -17.85 -11.21
C SER A 218 0.29 -16.93 -10.53
C SER A 218 0.19 -16.94 -10.39
N ILE A 219 1.19 -17.57 -9.79
CA ILE A 219 2.35 -16.90 -9.23
C ILE A 219 3.57 -17.38 -10.01
N MET A 220 4.34 -16.39 -10.49
CA MET A 220 5.60 -16.62 -11.16
C MET A 220 6.70 -16.09 -10.24
N PHE A 221 7.46 -17.01 -9.66
CA PHE A 221 8.47 -16.68 -8.68
C PHE A 221 9.85 -16.73 -9.33
N LEU A 222 10.55 -15.60 -9.36
CA LEU A 222 11.85 -15.50 -10.00
C LEU A 222 12.94 -15.60 -8.93
N VAL A 223 13.99 -16.38 -9.25
N VAL A 223 13.98 -16.40 -9.21
CA VAL A 223 15.19 -16.51 -8.43
CA VAL A 223 15.18 -16.46 -8.39
C VAL A 223 16.39 -16.34 -9.33
C VAL A 223 16.39 -16.35 -9.32
N ALA A 224 17.37 -15.53 -8.91
CA ALA A 224 18.64 -15.42 -9.61
C ALA A 224 19.53 -16.63 -9.26
N LEU A 225 19.81 -17.48 -10.25
CA LEU A 225 20.70 -18.62 -10.04
C LEU A 225 22.07 -18.17 -9.54
N SER A 226 22.50 -16.99 -9.97
CA SER A 226 23.80 -16.43 -9.68
C SER A 226 23.99 -15.95 -8.23
N GLU A 227 22.98 -16.08 -7.37
N GLU A 227 22.98 -16.08 -7.37
CA GLU A 227 23.14 -15.57 -6.01
CA GLU A 227 23.14 -15.57 -6.02
C GLU A 227 23.57 -16.65 -5.03
C GLU A 227 23.57 -16.65 -5.03
N TYR A 228 23.94 -17.84 -5.53
CA TYR A 228 24.33 -18.97 -4.68
C TYR A 228 25.53 -18.68 -3.79
N ASP A 229 26.40 -17.73 -4.18
CA ASP A 229 27.62 -17.47 -3.43
C ASP A 229 27.53 -16.16 -2.66
N GLN A 230 26.30 -15.70 -2.39
CA GLN A 230 26.14 -14.50 -1.60
C GLN A 230 25.46 -14.78 -0.27
N VAL A 231 25.99 -14.19 0.80
CA VAL A 231 25.45 -14.43 2.13
C VAL A 231 24.97 -13.11 2.71
N LEU A 232 23.91 -13.19 3.54
CA LEU A 232 23.41 -12.06 4.31
C LEU A 232 24.17 -11.98 5.63
N VAL A 233 25.03 -10.96 5.72
CA VAL A 233 25.88 -10.74 6.89
C VAL A 233 25.02 -10.42 8.09
N GLU A 234 23.84 -9.82 7.86
CA GLU A 234 22.96 -9.39 8.92
C GLU A 234 22.12 -10.57 9.45
N SER A 235 21.93 -11.62 8.66
CA SER A 235 21.03 -12.70 9.00
C SER A 235 21.79 -13.99 9.32
N ASP A 236 22.89 -13.86 10.09
CA ASP A 236 23.67 -15.00 10.54
C ASP A 236 24.32 -15.73 9.36
N ASN A 237 24.80 -14.97 8.37
CA ASN A 237 25.42 -15.48 7.16
C ASN A 237 24.43 -16.33 6.34
N GLU A 238 23.13 -15.98 6.37
CA GLU A 238 22.12 -16.68 5.57
C GLU A 238 22.47 -16.49 4.10
N ASN A 239 22.48 -17.60 3.38
CA ASN A 239 22.72 -17.50 1.96
C ASN A 239 21.56 -16.74 1.29
N ARG A 240 21.86 -15.85 0.33
CA ARG A 240 20.82 -15.12 -0.41
C ARG A 240 19.83 -16.04 -1.11
N MET A 241 20.34 -17.18 -1.59
N MET A 241 20.32 -17.19 -1.58
N MET A 241 20.30 -17.20 -1.60
CA MET A 241 19.52 -18.23 -2.18
CA MET A 241 19.42 -18.14 -2.20
CA MET A 241 19.40 -18.16 -2.20
C MET A 241 18.56 -18.78 -1.12
C MET A 241 18.56 -18.83 -1.13
C MET A 241 18.52 -18.78 -1.11
N GLU A 242 19.06 -18.96 0.11
CA GLU A 242 18.25 -19.49 1.20
C GLU A 242 17.15 -18.47 1.57
N GLU A 243 17.48 -17.17 1.50
CA GLU A 243 16.46 -16.15 1.77
C GLU A 243 15.38 -16.18 0.69
N SER A 244 15.78 -16.31 -0.58
N SER A 244 15.79 -16.29 -0.59
CA SER A 244 14.82 -16.42 -1.65
CA SER A 244 14.86 -16.44 -1.70
C SER A 244 13.94 -17.66 -1.47
C SER A 244 13.95 -17.66 -1.47
N LYS A 245 14.55 -18.78 -1.04
CA LYS A 245 13.79 -20.00 -0.83
C LYS A 245 12.80 -19.86 0.33
N ALA A 246 13.23 -19.19 1.39
CA ALA A 246 12.35 -18.94 2.53
C ALA A 246 11.14 -18.10 2.11
N LEU A 247 11.38 -17.08 1.27
CA LEU A 247 10.29 -16.26 0.74
C LEU A 247 9.35 -17.13 -0.08
N PHE A 248 9.92 -17.96 -0.96
CA PHE A 248 9.13 -18.87 -1.77
C PHE A 248 8.25 -19.77 -0.90
N ARG A 249 8.81 -20.30 0.19
CA ARG A 249 8.03 -21.17 1.06
C ARG A 249 6.86 -20.43 1.69
N THR A 250 7.08 -19.17 2.09
N THR A 250 7.09 -19.17 2.10
CA THR A 250 6.01 -18.36 2.66
CA THR A 250 6.04 -18.32 2.65
C THR A 250 4.90 -18.19 1.61
C THR A 250 4.92 -18.12 1.63
N ILE A 251 5.30 -18.04 0.35
CA ILE A 251 4.33 -17.87 -0.74
C ILE A 251 3.52 -19.14 -0.98
N ILE A 252 4.20 -20.28 -1.16
CA ILE A 252 3.49 -21.50 -1.51
C ILE A 252 2.62 -22.01 -0.36
N THR A 253 2.94 -21.66 0.90
CA THR A 253 2.15 -22.11 2.05
C THR A 253 1.07 -21.10 2.44
N TYR A 254 0.98 -19.99 1.71
CA TYR A 254 0.03 -18.95 2.06
C TYR A 254 -1.40 -19.43 1.76
N PRO A 255 -2.34 -19.43 2.71
CA PRO A 255 -3.66 -20.02 2.45
C PRO A 255 -4.45 -19.56 1.23
N TRP A 256 -4.29 -18.30 0.80
CA TRP A 256 -5.03 -17.77 -0.34
C TRP A 256 -4.29 -17.91 -1.67
N PHE A 257 -3.17 -18.62 -1.68
CA PHE A 257 -2.49 -18.97 -2.92
C PHE A 257 -2.57 -20.47 -3.18
N GLN A 258 -3.44 -21.20 -2.45
CA GLN A 258 -3.48 -22.64 -2.59
C GLN A 258 -4.11 -23.04 -3.93
N ASN A 259 -4.93 -22.17 -4.52
CA ASN A 259 -5.58 -22.46 -5.80
C ASN A 259 -4.74 -21.95 -6.98
N SER A 260 -3.68 -21.19 -6.70
CA SER A 260 -2.87 -20.52 -7.70
C SER A 260 -1.87 -21.53 -8.23
N SER A 261 -1.63 -21.56 -9.54
CA SER A 261 -0.53 -22.36 -10.05
C SER A 261 0.75 -21.60 -9.76
N VAL A 262 1.81 -22.35 -9.45
CA VAL A 262 3.07 -21.76 -9.05
C VAL A 262 4.15 -22.19 -10.05
N ILE A 263 4.77 -21.19 -10.67
CA ILE A 263 5.81 -21.35 -11.67
C ILE A 263 7.08 -20.74 -11.11
N LEU A 264 8.13 -21.56 -11.00
CA LEU A 264 9.42 -21.09 -10.51
C LEU A 264 10.34 -20.88 -11.70
N PHE A 265 10.82 -19.65 -11.89
CA PHE A 265 11.78 -19.31 -12.92
C PHE A 265 13.15 -19.15 -12.25
N LEU A 266 14.06 -20.07 -12.56
N LEU A 266 14.07 -20.06 -12.58
CA LEU A 266 15.44 -19.96 -12.11
CA LEU A 266 15.44 -19.98 -12.14
C LEU A 266 16.20 -19.22 -13.20
C LEU A 266 16.20 -19.21 -13.22
N ASN A 267 16.31 -17.91 -12.99
CA ASN A 267 16.74 -16.93 -13.96
C ASN A 267 18.25 -16.69 -13.86
N LYS A 268 18.80 -15.89 -14.77
CA LYS A 268 20.22 -15.58 -14.82
C LYS A 268 21.04 -16.84 -15.02
N LYS A 269 20.52 -17.75 -15.85
CA LYS A 269 21.23 -18.97 -16.16
C LYS A 269 22.55 -18.68 -16.89
N ASP A 270 22.62 -17.59 -17.65
CA ASP A 270 23.80 -17.15 -18.35
C ASP A 270 24.89 -16.72 -17.36
N LEU A 271 24.49 -16.04 -16.27
CA LEU A 271 25.46 -15.58 -15.29
C LEU A 271 25.99 -16.75 -14.47
N LEU A 272 25.12 -17.75 -14.22
CA LEU A 272 25.56 -18.99 -13.59
C LEU A 272 26.68 -19.64 -14.41
N GLU A 273 26.50 -19.71 -15.73
CA GLU A 273 27.50 -20.35 -16.59
C GLU A 273 28.87 -19.70 -16.45
N ASP A 274 28.88 -18.38 -16.23
N ASP A 274 28.92 -18.39 -16.20
CA ASP A 274 30.11 -17.61 -16.07
CA ASP A 274 30.20 -17.72 -16.07
C ASP A 274 30.70 -17.86 -14.68
C ASP A 274 30.73 -17.89 -14.64
N LYS A 275 29.88 -17.66 -13.64
CA LYS A 275 30.33 -17.66 -12.24
C LYS A 275 30.81 -19.02 -11.76
N ILE A 276 30.20 -20.09 -12.25
CA ILE A 276 30.51 -21.43 -11.79
C ILE A 276 31.94 -21.81 -12.17
N LEU A 277 32.57 -21.09 -13.08
CA LEU A 277 33.94 -21.37 -13.46
C LEU A 277 34.94 -20.96 -12.39
N TYR A 278 34.51 -20.07 -11.47
CA TYR A 278 35.44 -19.60 -10.45
C TYR A 278 34.89 -19.60 -9.03
N SER A 279 33.57 -19.65 -8.86
CA SER A 279 32.98 -19.65 -7.54
C SER A 279 32.27 -20.98 -7.31
N HIS A 280 32.74 -21.75 -6.34
CA HIS A 280 32.33 -23.14 -6.24
C HIS A 280 31.10 -23.29 -5.35
N LEU A 281 30.06 -23.92 -5.92
CA LEU A 281 28.81 -24.15 -5.20
C LEU A 281 29.06 -24.91 -3.87
N VAL A 282 29.97 -25.89 -3.86
CA VAL A 282 30.19 -26.72 -2.67
C VAL A 282 30.67 -25.89 -1.48
N ASP A 283 31.27 -24.72 -1.73
CA ASP A 283 31.72 -23.85 -0.65
C ASP A 283 30.56 -23.24 0.13
N TYR A 284 29.39 -23.15 -0.53
CA TYR A 284 28.20 -22.51 0.01
C TYR A 284 27.13 -23.52 0.38
N PHE A 285 27.09 -24.63 -0.36
CA PHE A 285 26.18 -25.73 -0.08
C PHE A 285 27.00 -27.02 -0.07
N PRO A 286 27.61 -27.41 1.08
N PRO A 286 27.64 -27.35 1.09
CA PRO A 286 28.52 -28.54 1.10
CA PRO A 286 28.51 -28.53 1.20
C PRO A 286 27.87 -29.89 0.81
C PRO A 286 27.87 -29.87 0.82
N GLU A 287 26.52 -29.94 0.82
CA GLU A 287 25.83 -31.15 0.41
C GLU A 287 25.95 -31.43 -1.09
N PHE A 288 26.36 -30.42 -1.88
CA PHE A 288 26.44 -30.58 -3.32
C PHE A 288 27.47 -31.66 -3.67
N ASP A 289 27.08 -32.66 -4.48
CA ASP A 289 27.98 -33.75 -4.78
C ASP A 289 28.36 -33.83 -6.26
N GLY A 290 28.11 -32.74 -7.00
CA GLY A 290 28.37 -32.75 -8.44
C GLY A 290 29.78 -32.25 -8.72
N PRO A 291 30.21 -32.25 -9.99
CA PRO A 291 31.52 -31.72 -10.34
C PRO A 291 31.55 -30.21 -10.16
N GLN A 292 32.78 -29.71 -9.97
CA GLN A 292 33.03 -28.27 -9.99
C GLN A 292 33.02 -27.80 -11.45
N ARG A 293 32.82 -26.49 -11.60
CA ARG A 293 32.95 -25.82 -12.88
C ARG A 293 31.92 -26.34 -13.89
N ASP A 294 30.75 -26.76 -13.37
CA ASP A 294 29.74 -27.46 -14.14
C ASP A 294 28.38 -26.81 -13.94
N ALA A 295 27.96 -26.00 -14.91
CA ALA A 295 26.73 -25.23 -14.79
C ALA A 295 25.48 -26.11 -14.72
N GLN A 296 25.44 -27.20 -15.51
N GLN A 296 25.47 -27.17 -15.55
CA GLN A 296 24.25 -28.04 -15.52
CA GLN A 296 24.38 -28.14 -15.57
C GLN A 296 24.09 -28.75 -14.17
C GLN A 296 24.13 -28.67 -14.18
N ALA A 297 25.20 -29.19 -13.56
CA ALA A 297 25.11 -29.83 -12.26
C ALA A 297 24.62 -28.82 -11.23
N ALA A 298 25.14 -27.59 -11.32
CA ALA A 298 24.80 -26.54 -10.35
C ALA A 298 23.32 -26.16 -10.47
N ARG A 299 22.83 -25.97 -11.69
CA ARG A 299 21.46 -25.48 -11.78
C ARG A 299 20.49 -26.60 -11.40
N GLU A 300 20.84 -27.87 -11.69
CA GLU A 300 20.00 -28.99 -11.26
C GLU A 300 19.96 -29.09 -9.74
N PHE A 301 21.12 -28.89 -9.10
CA PHE A 301 21.14 -28.88 -7.65
C PHE A 301 20.26 -27.78 -7.08
N ILE A 302 20.39 -26.56 -7.64
CA ILE A 302 19.67 -25.41 -7.13
C ILE A 302 18.18 -25.65 -7.26
N LEU A 303 17.73 -26.17 -8.41
CA LEU A 303 16.33 -26.51 -8.58
C LEU A 303 15.85 -27.48 -7.51
N LYS A 304 16.56 -28.60 -7.30
N LYS A 304 16.59 -28.58 -7.29
CA LYS A 304 16.08 -29.64 -6.40
CA LYS A 304 16.18 -29.59 -6.33
C LYS A 304 16.05 -29.12 -4.96
C LYS A 304 16.10 -28.99 -4.94
N MET A 305 16.98 -28.19 -4.65
N MET A 305 17.04 -28.11 -4.60
CA MET A 305 17.10 -27.58 -3.32
CA MET A 305 17.07 -27.57 -3.25
C MET A 305 15.90 -26.66 -3.09
C MET A 305 15.89 -26.63 -3.06
N PHE A 306 15.58 -25.86 -4.11
CA PHE A 306 14.57 -24.83 -3.98
C PHE A 306 13.21 -25.44 -3.68
N VAL A 307 12.90 -26.58 -4.32
CA VAL A 307 11.61 -27.22 -4.12
C VAL A 307 11.64 -28.32 -3.06
N ASP A 308 12.79 -28.48 -2.35
CA ASP A 308 12.89 -29.42 -1.24
C ASP A 308 12.29 -28.76 0.01
N LEU A 309 10.96 -28.82 0.13
CA LEU A 309 10.22 -28.12 1.17
C LEU A 309 9.50 -29.16 2.03
N ASP A 314 2.23 -31.74 -1.52
CA ASP A 314 0.89 -31.74 -2.16
C ASP A 314 0.94 -30.97 -3.49
N LYS A 315 1.23 -29.66 -3.39
CA LYS A 315 1.18 -28.72 -4.49
C LYS A 315 2.27 -29.01 -5.52
N ILE A 316 1.91 -28.95 -6.81
CA ILE A 316 2.87 -29.06 -7.91
C ILE A 316 3.51 -27.69 -8.14
N ILE A 317 4.84 -27.70 -8.23
CA ILE A 317 5.62 -26.54 -8.64
C ILE A 317 6.17 -26.82 -10.04
N TYR A 318 5.85 -25.97 -10.98
CA TYR A 318 6.41 -26.04 -12.31
C TYR A 318 7.67 -25.19 -12.29
N SER A 319 8.69 -25.57 -13.08
N SER A 319 8.69 -25.59 -13.07
N SER A 319 8.70 -25.59 -13.05
CA SER A 319 9.95 -24.86 -13.04
CA SER A 319 9.99 -24.92 -13.04
CA SER A 319 9.91 -24.79 -13.05
C SER A 319 10.57 -24.80 -14.44
C SER A 319 10.56 -24.81 -14.45
C SER A 319 10.56 -24.78 -14.43
N HIS A 320 11.17 -23.65 -14.74
CA HIS A 320 11.96 -23.47 -15.95
C HIS A 320 13.22 -22.68 -15.61
N PHE A 321 14.32 -22.96 -16.29
CA PHE A 321 15.51 -22.12 -16.31
C PHE A 321 15.32 -21.02 -17.35
N THR A 322 15.77 -19.81 -17.05
CA THR A 322 15.58 -18.68 -17.94
C THR A 322 16.79 -17.78 -17.98
N CYS A 323 16.86 -17.00 -19.07
CA CYS A 323 17.68 -15.82 -19.20
C CYS A 323 16.77 -14.67 -19.64
N ALA A 324 16.36 -13.84 -18.68
CA ALA A 324 15.27 -12.89 -18.90
C ALA A 324 15.67 -11.81 -19.90
N THR A 325 16.96 -11.55 -20.10
CA THR A 325 17.40 -10.54 -21.05
C THR A 325 17.47 -11.08 -22.48
N ASP A 326 17.25 -12.38 -22.66
CA ASP A 326 17.27 -13.03 -23.96
C ASP A 326 15.82 -13.19 -24.45
N THR A 327 15.42 -12.33 -25.39
CA THR A 327 14.04 -12.32 -25.84
C THR A 327 13.63 -13.69 -26.39
N GLU A 328 14.52 -14.32 -27.18
CA GLU A 328 14.20 -15.62 -27.78
C GLU A 328 13.96 -16.66 -26.68
N ASN A 329 14.78 -16.64 -25.60
CA ASN A 329 14.60 -17.59 -24.53
C ASN A 329 13.24 -17.38 -23.85
N ILE A 330 12.89 -16.13 -23.54
CA ILE A 330 11.62 -15.84 -22.87
C ILE A 330 10.43 -16.16 -23.77
N ARG A 331 10.57 -15.94 -25.08
N ARG A 331 10.57 -15.95 -25.08
CA ARG A 331 9.53 -16.30 -26.04
CA ARG A 331 9.49 -16.32 -25.98
C ARG A 331 9.27 -17.82 -25.94
C ARG A 331 9.25 -17.84 -25.92
N PHE A 332 10.36 -18.60 -25.93
CA PHE A 332 10.28 -20.05 -25.85
C PHE A 332 9.67 -20.53 -24.53
N VAL A 333 10.19 -20.00 -23.42
CA VAL A 333 9.74 -20.44 -22.11
C VAL A 333 8.28 -20.03 -21.88
N PHE A 334 7.93 -18.77 -22.20
CA PHE A 334 6.56 -18.34 -21.96
C PHE A 334 5.56 -19.03 -22.86
N ALA A 335 5.96 -19.43 -24.08
CA ALA A 335 5.03 -20.21 -24.89
C ALA A 335 4.59 -21.49 -24.15
N ALA A 336 5.55 -22.15 -23.51
CA ALA A 336 5.27 -23.36 -22.76
C ALA A 336 4.44 -23.05 -21.51
N VAL A 337 4.84 -22.03 -20.76
CA VAL A 337 4.14 -21.67 -19.54
C VAL A 337 2.69 -21.27 -19.82
N LYS A 338 2.47 -20.49 -20.87
CA LYS A 338 1.11 -20.08 -21.23
C LYS A 338 0.23 -21.31 -21.45
N ASP A 339 0.78 -22.34 -22.12
CA ASP A 339 0.05 -23.57 -22.39
C ASP A 339 -0.38 -24.22 -21.05
N THR A 340 0.55 -24.29 -20.09
CA THR A 340 0.24 -24.89 -18.79
C THR A 340 -0.85 -24.11 -18.06
N ILE A 341 -0.70 -22.78 -18.00
CA ILE A 341 -1.63 -21.92 -17.28
C ILE A 341 -3.03 -22.03 -17.91
N LEU A 342 -3.09 -22.00 -19.25
CA LEU A 342 -4.40 -22.07 -19.90
C LEU A 342 -5.04 -23.44 -19.69
N GLN A 343 -4.24 -24.54 -19.73
CA GLN A 343 -4.78 -25.87 -19.52
C GLN A 343 -5.38 -26.00 -18.11
N LEU A 344 -4.71 -25.43 -17.11
CA LEU A 344 -5.17 -25.51 -15.73
C LEU A 344 -6.41 -24.66 -15.48
N ASN A 345 -6.64 -23.66 -16.34
CA ASN A 345 -7.72 -22.71 -16.17
C ASN A 345 -8.73 -22.83 -17.33
N SER B 6 27.84 12.08 25.11
CA SER B 6 27.36 11.98 23.71
C SER B 6 26.17 12.91 23.52
N GLU B 7 26.19 13.70 22.44
CA GLU B 7 25.09 14.62 22.15
C GLU B 7 23.82 13.80 21.87
N LEU B 8 23.96 12.71 21.12
CA LEU B 8 22.82 11.87 20.77
C LEU B 8 22.27 11.14 21.99
N ASP B 9 23.12 10.84 22.99
CA ASP B 9 22.69 10.17 24.22
C ASP B 9 21.92 11.14 25.13
N GLN B 10 22.38 12.41 25.22
CA GLN B 10 21.70 13.42 26.02
C GLN B 10 20.34 13.78 25.41
N LEU B 11 20.25 13.80 24.08
CA LEU B 11 18.97 14.06 23.39
C LEU B 11 18.03 12.87 23.58
N ARG B 12 18.58 11.65 23.60
CA ARG B 12 17.79 10.45 23.86
C ARG B 12 17.27 10.48 25.31
N GLN B 13 18.10 10.99 26.23
CA GLN B 13 17.76 11.06 27.64
C GLN B 13 16.66 12.10 27.85
N GLU B 14 16.76 13.25 27.16
CA GLU B 14 15.79 14.34 27.29
C GLU B 14 14.42 13.90 26.77
N ALA B 15 14.40 13.16 25.65
CA ALA B 15 13.17 12.62 25.10
C ALA B 15 12.49 11.68 26.09
N GLU B 16 13.27 10.90 26.85
CA GLU B 16 12.71 10.03 27.88
C GLU B 16 12.11 10.86 29.02
N GLN B 17 12.79 11.94 29.44
CA GLN B 17 12.28 12.86 30.47
C GLN B 17 10.96 13.48 30.02
N LEU B 18 10.87 13.87 28.75
CA LEU B 18 9.65 14.50 28.24
C LEU B 18 8.50 13.49 28.15
N LYS B 19 8.77 12.24 27.75
CA LYS B 19 7.73 11.22 27.72
C LYS B 19 7.17 10.97 29.13
N ASN B 20 8.04 11.03 30.14
CA ASN B 20 7.59 10.89 31.52
C ASN B 20 6.76 12.09 31.97
N GLN B 21 7.16 13.30 31.52
CA GLN B 21 6.42 14.50 31.87
C GLN B 21 5.00 14.40 31.30
N ILE B 22 4.90 13.92 30.06
CA ILE B 22 3.60 13.76 29.42
C ILE B 22 2.80 12.70 30.18
N ARG B 23 3.42 11.56 30.49
CA ARG B 23 2.78 10.50 31.26
C ARG B 23 2.25 11.07 32.58
N ASP B 24 3.07 11.86 33.29
CA ASP B 24 2.68 12.37 34.59
C ASP B 24 1.55 13.39 34.50
N ALA B 25 1.57 14.26 33.46
CA ALA B 25 0.54 15.28 33.30
C ALA B 25 -0.81 14.61 32.99
N ARG B 26 -0.77 13.53 32.20
CA ARG B 26 -1.97 12.78 31.88
C ARG B 26 -2.53 12.09 33.12
N LYS B 27 -1.64 11.51 33.96
CA LYS B 27 -2.07 10.87 35.20
C LYS B 27 -2.74 11.89 36.13
N ALA B 28 -2.21 13.10 36.16
CA ALA B 28 -2.71 14.15 37.06
C ALA B 28 -4.15 14.54 36.74
N CYS B 29 -4.58 14.40 35.47
N CYS B 29 -4.55 14.37 35.46
CA CYS B 29 -5.95 14.79 35.15
CA CYS B 29 -5.89 14.71 34.97
C CYS B 29 -6.87 13.56 35.05
C CYS B 29 -6.88 13.56 35.14
N ALA B 30 -6.35 12.36 35.37
CA ALA B 30 -7.16 11.15 35.42
C ALA B 30 -7.77 10.98 36.82
N ASP B 31 -8.78 11.79 37.12
CA ASP B 31 -9.38 11.85 38.45
C ASP B 31 -10.57 10.88 38.56
N ALA B 32 -11.17 10.51 37.43
CA ALA B 32 -12.26 9.55 37.37
C ALA B 32 -12.28 8.97 35.97
N THR B 33 -12.96 7.84 35.78
CA THR B 33 -13.07 7.21 34.45
C THR B 33 -14.41 7.55 33.80
N LEU B 34 -14.49 7.41 32.46
CA LEU B 34 -15.74 7.61 31.74
C LEU B 34 -16.83 6.65 32.28
N SER B 35 -16.45 5.39 32.52
N SER B 35 -16.46 5.39 32.52
CA SER B 35 -17.37 4.38 33.01
CA SER B 35 -17.37 4.37 33.00
C SER B 35 -17.99 4.77 34.34
C SER B 35 -17.99 4.77 34.34
N GLN B 36 -17.20 5.39 35.24
CA GLN B 36 -17.72 5.88 36.52
C GLN B 36 -18.73 7.01 36.29
N ILE B 37 -18.37 7.97 35.42
CA ILE B 37 -19.18 9.13 35.12
C ILE B 37 -20.52 8.72 34.50
N THR B 38 -20.54 7.65 33.67
CA THR B 38 -21.73 7.26 32.93
C THR B 38 -22.49 6.12 33.62
N ASN B 39 -22.08 5.78 34.84
CA ASN B 39 -22.57 4.57 35.49
C ASN B 39 -24.10 4.61 35.65
N ASN B 40 -24.67 5.80 35.88
CA ASN B 40 -26.08 5.91 36.20
C ASN B 40 -26.94 6.16 34.96
N ILE B 41 -26.36 6.40 33.77
CA ILE B 41 -27.21 6.62 32.62
C ILE B 41 -27.77 5.27 32.18
N ASP B 42 -29.00 5.29 31.66
CA ASP B 42 -29.67 4.09 31.21
C ASP B 42 -28.93 3.48 30.03
N PRO B 43 -28.87 2.14 29.93
CA PRO B 43 -28.44 1.46 28.70
C PRO B 43 -29.29 1.88 27.51
N VAL B 44 -28.73 1.78 26.32
CA VAL B 44 -29.48 2.08 25.10
C VAL B 44 -30.47 0.96 24.82
N GLY B 45 -30.19 -0.23 25.36
CA GLY B 45 -31.04 -1.36 25.04
C GLY B 45 -30.78 -1.81 23.60
N ARG B 46 -31.45 -2.88 23.20
CA ARG B 46 -31.04 -3.62 22.03
C ARG B 46 -31.32 -2.79 20.76
N ILE B 47 -30.26 -2.59 19.98
CA ILE B 47 -30.31 -1.98 18.66
C ILE B 47 -30.46 -3.10 17.62
N GLN B 48 -31.59 -3.10 16.88
CA GLN B 48 -31.92 -4.16 15.95
C GLN B 48 -32.31 -3.59 14.59
N MET B 49 -31.32 -3.24 13.79
CA MET B 49 -31.56 -2.61 12.51
C MET B 49 -31.90 -3.68 11.49
N ARG B 50 -32.63 -3.26 10.46
CA ARG B 50 -32.98 -4.11 9.33
C ARG B 50 -32.19 -3.66 8.10
N THR B 51 -31.90 -4.61 7.22
CA THR B 51 -31.45 -4.28 5.87
C THR B 51 -32.61 -3.67 5.10
N ARG B 52 -32.42 -2.43 4.66
CA ARG B 52 -33.43 -1.70 3.92
C ARG B 52 -33.13 -1.74 2.43
N ARG B 53 -31.86 -1.84 2.06
CA ARG B 53 -31.45 -1.90 0.65
C ARG B 53 -30.25 -2.81 0.55
N THR B 54 -30.16 -3.56 -0.54
CA THR B 54 -28.97 -4.29 -0.94
C THR B 54 -28.54 -3.72 -2.28
N LEU B 55 -27.35 -3.14 -2.32
CA LEU B 55 -26.81 -2.54 -3.53
C LEU B 55 -25.95 -3.58 -4.28
N ARG B 56 -26.47 -4.01 -5.43
N ARG B 56 -26.48 -4.03 -5.42
CA ARG B 56 -25.90 -5.07 -6.23
CA ARG B 56 -25.90 -5.10 -6.22
C ARG B 56 -25.31 -4.50 -7.51
C ARG B 56 -25.32 -4.51 -7.50
N GLY B 57 -24.08 -4.90 -7.84
CA GLY B 57 -23.47 -4.44 -9.08
C GLY B 57 -21.97 -4.64 -9.16
N HIS B 58 -21.28 -4.48 -8.03
CA HIS B 58 -19.85 -4.77 -8.05
C HIS B 58 -19.63 -6.27 -8.24
N LEU B 59 -18.51 -6.59 -8.90
CA LEU B 59 -18.23 -7.98 -9.23
C LEU B 59 -16.96 -8.52 -8.57
N ALA B 60 -16.47 -7.80 -7.54
CA ALA B 60 -15.33 -8.23 -6.76
C ALA B 60 -15.41 -7.53 -5.41
N LYS B 61 -14.40 -7.75 -4.58
CA LYS B 61 -14.40 -7.15 -3.25
C LYS B 61 -14.61 -5.63 -3.30
N ILE B 62 -15.42 -5.11 -2.38
CA ILE B 62 -15.50 -3.67 -2.12
C ILE B 62 -14.52 -3.35 -1.01
N TYR B 63 -13.75 -2.29 -1.23
CA TYR B 63 -12.74 -1.84 -0.28
C TYR B 63 -13.13 -0.57 0.48
N ALA B 64 -14.01 0.28 -0.06
CA ALA B 64 -14.30 1.57 0.55
C ALA B 64 -15.64 2.10 0.04
N MET B 65 -16.24 2.97 0.85
CA MET B 65 -17.45 3.68 0.49
C MET B 65 -17.44 5.02 1.23
N HIS B 66 -18.20 5.97 0.67
CA HIS B 66 -18.39 7.25 1.31
C HIS B 66 -19.73 7.82 0.90
N TRP B 67 -20.49 8.27 1.89
CA TRP B 67 -21.75 8.95 1.64
C TRP B 67 -21.51 10.38 1.16
N GLY B 68 -22.38 10.83 0.25
CA GLY B 68 -22.53 12.24 -0.07
C GLY B 68 -23.22 12.96 1.09
N THR B 69 -23.01 14.28 1.12
CA THR B 69 -23.59 15.10 2.18
C THR B 69 -25.11 15.24 2.09
N ASP B 70 -25.75 14.75 1.02
CA ASP B 70 -27.20 14.76 0.91
C ASP B 70 -27.84 13.55 1.61
N SER B 71 -27.02 12.66 2.22
CA SER B 71 -27.51 11.48 2.90
C SER B 71 -28.30 10.57 1.98
N ARG B 72 -27.99 10.61 0.67
CA ARG B 72 -28.79 9.87 -0.32
C ARG B 72 -27.88 9.19 -1.34
N LEU B 73 -26.98 9.97 -1.96
CA LEU B 73 -26.01 9.41 -2.90
C LEU B 73 -24.82 8.89 -2.11
N LEU B 74 -24.19 7.82 -2.59
CA LEU B 74 -22.95 7.34 -2.02
C LEU B 74 -22.06 6.79 -3.12
N VAL B 75 -20.75 6.78 -2.83
CA VAL B 75 -19.77 6.23 -3.77
C VAL B 75 -19.10 5.00 -3.14
N SER B 76 -18.89 3.96 -3.94
CA SER B 76 -18.21 2.76 -3.51
C SER B 76 -17.12 2.38 -4.50
N ALA B 77 -16.05 1.75 -3.98
CA ALA B 77 -14.88 1.40 -4.76
C ALA B 77 -14.57 -0.09 -4.60
N SER B 78 -14.29 -0.77 -5.72
CA SER B 78 -14.06 -2.21 -5.76
C SER B 78 -12.85 -2.59 -6.63
N GLN B 79 -12.24 -3.73 -6.26
CA GLN B 79 -11.20 -4.36 -7.05
C GLN B 79 -11.69 -4.83 -8.42
N ASP B 80 -13.00 -4.70 -8.71
CA ASP B 80 -13.50 -4.88 -10.06
C ASP B 80 -13.13 -3.68 -10.96
N GLY B 81 -12.46 -2.68 -10.39
CA GLY B 81 -11.96 -1.55 -11.17
C GLY B 81 -13.04 -0.52 -11.47
N LYS B 82 -14.08 -0.48 -10.64
CA LYS B 82 -15.19 0.47 -10.80
C LYS B 82 -15.38 1.29 -9.53
N LEU B 83 -15.67 2.58 -9.71
CA LEU B 83 -16.34 3.36 -8.68
C LEU B 83 -17.79 3.45 -9.13
N ILE B 84 -18.72 3.13 -8.25
CA ILE B 84 -20.13 3.24 -8.55
C ILE B 84 -20.71 4.30 -7.62
N ILE B 85 -21.48 5.24 -8.21
CA ILE B 85 -22.26 6.19 -7.46
C ILE B 85 -23.70 5.73 -7.51
N TRP B 86 -24.27 5.49 -6.34
CA TRP B 86 -25.60 4.95 -6.14
C TRP B 86 -26.54 6.00 -5.55
N ASP B 87 -27.81 5.95 -5.99
CA ASP B 87 -28.90 6.57 -5.27
C ASP B 87 -29.49 5.54 -4.32
N SER B 88 -29.15 5.66 -3.03
CA SER B 88 -29.52 4.67 -2.03
C SER B 88 -31.04 4.55 -1.89
N TYR B 89 -31.78 5.63 -2.20
CA TYR B 89 -33.21 5.61 -1.93
C TYR B 89 -33.93 4.68 -2.92
N THR B 90 -33.51 4.74 -4.20
CA THR B 90 -34.11 3.96 -5.28
C THR B 90 -33.32 2.71 -5.64
N THR B 91 -32.04 2.68 -5.26
CA THR B 91 -30.98 1.76 -5.67
C THR B 91 -30.49 2.03 -7.09
N ASN B 92 -31.00 3.07 -7.77
CA ASN B 92 -30.53 3.38 -9.13
C ASN B 92 -29.02 3.68 -9.08
N LYS B 93 -28.29 3.12 -10.06
CA LYS B 93 -26.94 3.57 -10.32
C LYS B 93 -26.96 4.89 -11.08
N VAL B 94 -26.20 5.87 -10.59
CA VAL B 94 -26.11 7.20 -11.18
C VAL B 94 -24.88 7.28 -12.09
N HIS B 95 -23.75 6.69 -11.67
CA HIS B 95 -22.54 6.65 -12.49
C HIS B 95 -21.77 5.37 -12.16
N ALA B 96 -21.06 4.85 -13.18
CA ALA B 96 -20.03 3.84 -12.97
C ALA B 96 -18.78 4.34 -13.68
N ILE B 97 -17.71 4.48 -12.92
CA ILE B 97 -16.50 5.09 -13.41
C ILE B 97 -15.45 3.98 -13.52
N PRO B 98 -14.92 3.72 -14.73
CA PRO B 98 -13.88 2.71 -14.91
C PRO B 98 -12.54 3.29 -14.48
N LEU B 99 -11.89 2.61 -13.58
CA LEU B 99 -10.62 3.08 -13.04
C LEU B 99 -9.47 2.53 -13.88
N ARG B 100 -8.44 3.35 -14.03
CA ARG B 100 -7.24 2.84 -14.68
C ARG B 100 -6.57 1.74 -13.85
N SER B 101 -6.47 1.96 -12.54
CA SER B 101 -5.93 1.01 -11.58
C SER B 101 -7.04 0.40 -10.75
N SER B 102 -7.22 -0.92 -10.84
CA SER B 102 -8.23 -1.62 -10.06
C SER B 102 -7.80 -1.82 -8.60
N TRP B 103 -6.56 -1.46 -8.25
CA TRP B 103 -5.97 -1.77 -6.95
C TRP B 103 -6.36 -0.71 -5.92
N VAL B 104 -7.67 -0.48 -5.80
N VAL B 104 -7.67 -0.66 -5.63
CA VAL B 104 -8.18 0.69 -5.09
CA VAL B 104 -8.28 0.38 -4.84
C VAL B 104 -8.38 0.33 -3.62
C VAL B 104 -8.07 0.12 -3.35
N MET B 105 -8.08 1.31 -2.73
N MET B 105 -8.06 1.24 -2.61
CA MET B 105 -8.17 1.13 -1.28
CA MET B 105 -8.01 1.22 -1.16
C MET B 105 -9.09 2.17 -0.60
C MET B 105 -8.99 2.23 -0.55
N THR B 106 -9.37 3.29 -1.28
CA THR B 106 -10.14 4.38 -0.68
C THR B 106 -10.98 5.05 -1.76
N CYS B 107 -12.08 5.64 -1.31
CA CYS B 107 -12.79 6.63 -2.10
C CYS B 107 -13.39 7.70 -1.18
N ALA B 108 -13.79 8.82 -1.81
CA ALA B 108 -14.35 9.96 -1.10
C ALA B 108 -15.32 10.70 -1.99
N TYR B 109 -16.34 11.28 -1.36
CA TYR B 109 -17.30 12.10 -2.07
C TYR B 109 -17.02 13.53 -1.62
N ALA B 110 -16.79 14.47 -2.56
CA ALA B 110 -16.63 15.87 -2.17
C ALA B 110 -17.95 16.38 -1.59
N PRO B 111 -17.91 17.25 -0.56
CA PRO B 111 -19.15 17.75 0.05
C PRO B 111 -20.10 18.46 -0.91
N SER B 112 -19.56 19.07 -1.97
CA SER B 112 -20.35 19.76 -2.97
C SER B 112 -21.18 18.77 -3.80
N GLY B 113 -20.73 17.51 -3.85
CA GLY B 113 -21.31 16.55 -4.78
C GLY B 113 -20.74 16.61 -6.20
N ASN B 114 -19.78 17.50 -6.46
CA ASN B 114 -19.28 17.79 -7.80
C ASN B 114 -18.17 16.82 -8.23
N TYR B 115 -17.46 16.24 -7.24
CA TYR B 115 -16.31 15.38 -7.48
C TYR B 115 -16.32 14.16 -6.56
N VAL B 116 -15.67 13.08 -7.02
CA VAL B 116 -15.26 11.99 -6.15
C VAL B 116 -13.76 11.77 -6.31
N ALA B 117 -13.18 11.01 -5.37
CA ALA B 117 -11.74 10.69 -5.41
C ALA B 117 -11.56 9.23 -5.07
N CYS B 118 -10.45 8.65 -5.58
N CYS B 118 -10.45 8.64 -5.58
CA CYS B 118 -10.06 7.33 -5.13
CA CYS B 118 -10.13 7.24 -5.40
C CYS B 118 -8.62 7.06 -5.54
C CYS B 118 -8.60 7.09 -5.50
N GLY B 119 -8.08 6.01 -4.92
CA GLY B 119 -6.72 5.56 -5.23
C GLY B 119 -6.37 4.36 -4.38
N GLY B 120 -5.13 3.91 -4.54
CA GLY B 120 -4.67 2.73 -3.82
C GLY B 120 -3.20 2.45 -4.06
N LEU B 121 -2.94 1.24 -4.57
CA LEU B 121 -1.58 0.76 -4.77
C LEU B 121 -0.86 1.47 -5.91
N ASP B 122 -1.56 2.29 -6.71
CA ASP B 122 -0.94 3.17 -7.68
C ASP B 122 -0.27 4.40 -7.04
N ASN B 123 -0.51 4.63 -5.74
CA ASN B 123 0.09 5.73 -5.00
C ASN B 123 -0.43 7.11 -5.44
N ILE B 124 -1.59 7.14 -6.10
CA ILE B 124 -2.13 8.36 -6.69
C ILE B 124 -3.54 8.59 -6.18
N CYS B 125 -3.86 9.86 -5.86
CA CYS B 125 -5.23 10.22 -5.59
C CYS B 125 -5.84 10.83 -6.85
N SER B 126 -6.75 10.08 -7.49
CA SER B 126 -7.40 10.49 -8.73
C SER B 126 -8.72 11.18 -8.34
N ILE B 127 -8.97 12.33 -8.99
CA ILE B 127 -10.16 13.14 -8.80
C ILE B 127 -11.00 13.04 -10.07
N TYR B 128 -12.31 12.79 -9.91
CA TYR B 128 -13.24 12.61 -11.02
C TYR B 128 -14.35 13.66 -10.94
N ASN B 129 -14.56 14.35 -12.06
CA ASN B 129 -15.56 15.40 -12.18
C ASN B 129 -16.89 14.77 -12.59
N LEU B 130 -17.88 14.89 -11.70
CA LEU B 130 -19.22 14.35 -11.94
C LEU B 130 -20.12 15.26 -12.74
N LYS B 131 -19.71 16.52 -12.98
CA LYS B 131 -20.54 17.50 -13.70
C LYS B 131 -19.84 18.01 -14.96
N THR B 132 -19.41 17.09 -15.84
CA THR B 132 -18.56 17.42 -16.98
C THR B 132 -19.27 17.07 -18.29
N VAL B 137 -18.44 11.61 -17.20
CA VAL B 137 -17.49 11.67 -16.05
C VAL B 137 -16.05 11.50 -16.56
N ARG B 138 -15.17 12.44 -16.18
CA ARG B 138 -13.79 12.41 -16.65
C ARG B 138 -12.87 12.59 -15.44
N VAL B 139 -11.69 11.93 -15.50
CA VAL B 139 -10.64 12.21 -14.53
C VAL B 139 -10.21 13.66 -14.74
N SER B 140 -10.26 14.46 -13.66
CA SER B 140 -9.91 15.87 -13.69
C SER B 140 -8.53 16.12 -13.10
N ARG B 141 -8.02 15.21 -12.27
CA ARG B 141 -6.68 15.39 -11.71
C ARG B 141 -6.15 14.05 -11.19
N GLU B 142 -4.85 13.85 -11.39
CA GLU B 142 -4.12 12.76 -10.79
C GLU B 142 -3.08 13.38 -9.84
N LEU B 143 -3.30 13.21 -8.54
CA LEU B 143 -2.44 13.81 -7.54
C LEU B 143 -1.31 12.83 -7.20
N ALA B 144 -0.12 13.16 -7.69
CA ALA B 144 1.07 12.33 -7.57
C ALA B 144 2.05 12.99 -6.59
N GLY B 145 2.67 12.14 -5.75
CA GLY B 145 3.65 12.64 -4.81
C GLY B 145 3.89 11.67 -3.66
N HIS B 146 2.85 10.95 -3.26
CA HIS B 146 3.04 9.89 -2.27
C HIS B 146 3.99 8.85 -2.88
N THR B 147 4.77 8.18 -2.01
CA THR B 147 5.70 7.14 -2.42
C THR B 147 5.25 5.77 -1.94
N GLY B 148 4.06 5.68 -1.38
CA GLY B 148 3.42 4.42 -1.03
C GLY B 148 1.93 4.54 -1.25
N TYR B 149 1.21 3.47 -0.94
CA TYR B 149 -0.19 3.37 -1.33
C TYR B 149 -1.01 4.49 -0.71
N LEU B 150 -2.08 4.87 -1.40
CA LEU B 150 -3.09 5.78 -0.86
C LEU B 150 -4.08 4.95 -0.04
N SER B 151 -4.15 5.21 1.28
CA SER B 151 -5.01 4.44 2.17
C SER B 151 -6.35 5.12 2.45
N CYS B 152 -6.38 6.46 2.41
CA CYS B 152 -7.58 7.22 2.74
C CYS B 152 -7.45 8.61 2.13
N CYS B 153 -8.61 9.22 1.83
CA CYS B 153 -8.64 10.58 1.33
C CYS B 153 -9.99 11.20 1.68
N ARG B 154 -9.98 12.51 1.98
CA ARG B 154 -11.21 13.23 2.29
C ARG B 154 -11.08 14.65 1.79
N PHE B 155 -12.07 15.11 1.02
CA PHE B 155 -12.09 16.49 0.55
C PHE B 155 -12.44 17.47 1.68
N LEU B 156 -11.75 18.61 1.70
N LEU B 156 -11.77 18.62 1.71
CA LEU B 156 -12.19 19.77 2.46
CA LEU B 156 -12.25 19.76 2.47
C LEU B 156 -13.19 20.60 1.66
C LEU B 156 -13.24 20.57 1.64
N ASP B 157 -12.92 20.74 0.35
CA ASP B 157 -13.75 21.49 -0.58
C ASP B 157 -13.39 21.00 -1.99
N ASP B 158 -13.90 21.66 -3.03
CA ASP B 158 -13.63 21.22 -4.39
C ASP B 158 -12.18 21.39 -4.80
N ASN B 159 -11.37 22.19 -4.05
CA ASN B 159 -9.99 22.42 -4.48
C ASN B 159 -8.97 21.88 -3.48
N GLN B 160 -9.41 21.20 -2.42
CA GLN B 160 -8.48 20.74 -1.38
C GLN B 160 -8.90 19.38 -0.87
N ILE B 161 -7.89 18.49 -0.75
CA ILE B 161 -8.12 17.14 -0.28
C ILE B 161 -6.95 16.72 0.60
N VAL B 162 -7.28 15.98 1.65
CA VAL B 162 -6.31 15.42 2.57
C VAL B 162 -6.19 13.93 2.27
N THR B 163 -4.94 13.44 2.26
CA THR B 163 -4.65 12.04 1.97
C THR B 163 -3.74 11.44 3.06
N SER B 164 -3.86 10.12 3.21
CA SER B 164 -2.98 9.33 4.05
C SER B 164 -2.31 8.26 3.18
N SER B 165 -1.11 7.81 3.58
CA SER B 165 -0.34 6.93 2.73
C SER B 165 0.46 5.89 3.52
N GLY B 166 0.66 4.73 2.88
CA GLY B 166 1.62 3.74 3.33
C GLY B 166 3.05 4.27 3.39
N ASP B 167 3.36 5.42 2.76
CA ASP B 167 4.66 6.06 2.87
C ASP B 167 4.92 6.74 4.24
N THR B 168 3.96 6.62 5.18
CA THR B 168 4.01 7.11 6.57
C THR B 168 3.67 8.61 6.67
N THR B 169 3.29 9.25 5.57
CA THR B 169 2.86 10.65 5.60
C THR B 169 1.37 10.80 5.29
N CYS B 170 0.84 11.96 5.71
CA CYS B 170 -0.39 12.50 5.18
C CYS B 170 -0.05 13.76 4.40
N ALA B 171 -0.99 14.25 3.59
CA ALA B 171 -0.75 15.47 2.82
C ALA B 171 -2.05 16.22 2.60
N LEU B 172 -1.90 17.53 2.49
CA LEU B 172 -2.96 18.42 2.03
C LEU B 172 -2.56 18.89 0.63
N TRP B 173 -3.51 18.75 -0.30
CA TRP B 173 -3.27 19.06 -1.71
C TRP B 173 -4.09 20.25 -2.17
N ASP B 174 -3.49 21.00 -3.08
CA ASP B 174 -4.17 21.99 -3.91
C ASP B 174 -4.47 21.28 -5.22
N ILE B 175 -5.75 20.98 -5.47
CA ILE B 175 -6.11 20.15 -6.61
C ILE B 175 -5.77 20.84 -7.93
N GLU B 176 -6.05 22.15 -8.04
CA GLU B 176 -5.78 22.90 -9.25
C GLU B 176 -4.29 22.79 -9.63
N THR B 177 -3.39 22.98 -8.67
CA THR B 177 -1.97 22.98 -9.02
C THR B 177 -1.42 21.56 -9.06
N GLY B 178 -2.09 20.62 -8.39
CA GLY B 178 -1.65 19.23 -8.28
C GLY B 178 -0.53 19.04 -7.25
N GLN B 179 -0.27 20.05 -6.40
CA GLN B 179 0.86 19.99 -5.46
C GLN B 179 0.37 19.74 -4.04
N GLN B 180 1.22 19.08 -3.26
CA GLN B 180 1.09 19.06 -1.80
C GLN B 180 1.40 20.44 -1.25
N THR B 181 0.38 21.09 -0.71
N THR B 181 0.43 21.11 -0.66
CA THR B 181 0.51 22.33 0.06
CA THR B 181 0.69 22.38 0.01
C THR B 181 1.30 22.10 1.34
C THR B 181 1.30 22.14 1.40
N THR B 182 0.97 20.99 2.01
CA THR B 182 1.48 20.65 3.34
C THR B 182 1.69 19.14 3.39
N THR B 183 2.83 18.70 3.92
CA THR B 183 3.10 17.30 4.19
C THR B 183 3.18 17.09 5.70
N PHE B 184 2.35 16.18 6.20
CA PHE B 184 2.23 15.88 7.62
C PHE B 184 3.11 14.67 7.92
N THR B 185 4.28 14.95 8.53
CA THR B 185 5.26 13.91 8.81
C THR B 185 5.37 13.69 10.32
N GLY B 186 5.64 12.45 10.68
CA GLY B 186 5.80 12.11 12.09
C GLY B 186 5.46 10.66 12.40
N HIS B 187 4.47 10.07 11.68
CA HIS B 187 4.26 8.65 11.84
C HIS B 187 5.51 7.89 11.39
N THR B 188 5.73 6.72 11.99
CA THR B 188 6.87 5.89 11.65
C THR B 188 6.43 4.61 10.97
N GLY B 189 5.13 4.48 10.73
CA GLY B 189 4.59 3.35 10.02
C GLY B 189 3.46 3.77 9.09
N ASP B 190 3.06 2.84 8.22
CA ASP B 190 2.07 3.11 7.20
C ASP B 190 0.84 3.77 7.82
N VAL B 191 0.37 4.87 7.20
CA VAL B 191 -0.84 5.50 7.69
C VAL B 191 -2.04 4.89 6.96
N MET B 192 -3.05 4.43 7.69
CA MET B 192 -4.13 3.62 7.18
C MET B 192 -5.46 4.37 7.02
N SER B 193 -5.62 5.48 7.74
N SER B 193 -5.65 5.46 7.77
CA SER B 193 -6.94 6.07 7.95
CA SER B 193 -6.97 6.07 7.88
C SER B 193 -6.78 7.51 8.38
C SER B 193 -6.82 7.49 8.42
N LEU B 194 -7.77 8.35 8.03
CA LEU B 194 -7.84 9.70 8.55
C LEU B 194 -9.30 10.12 8.68
N SER B 195 -9.51 11.09 9.57
CA SER B 195 -10.83 11.64 9.82
C SER B 195 -10.70 13.14 10.06
N LEU B 196 -11.47 13.95 9.33
CA LEU B 196 -11.48 15.41 9.49
C LEU B 196 -12.37 15.80 10.67
N ALA B 197 -11.89 16.78 11.47
CA ALA B 197 -12.73 17.34 12.50
C ALA B 197 -13.96 17.98 11.85
N PRO B 198 -15.11 18.01 12.56
CA PRO B 198 -16.30 18.72 12.07
C PRO B 198 -16.04 20.15 11.61
N ASP B 199 -15.12 20.89 12.28
CA ASP B 199 -14.82 22.27 11.93
C ASP B 199 -13.68 22.44 10.92
N THR B 200 -13.16 21.30 10.40
CA THR B 200 -12.06 21.16 9.44
C THR B 200 -10.75 21.84 9.88
N ARG B 201 -10.62 22.18 11.17
CA ARG B 201 -9.41 22.84 11.65
C ARG B 201 -8.29 21.81 11.89
N LEU B 202 -8.70 20.60 12.27
CA LEU B 202 -7.83 19.52 12.68
C LEU B 202 -8.24 18.27 11.90
N PHE B 203 -7.35 17.28 11.88
CA PHE B 203 -7.70 15.93 11.47
C PHE B 203 -6.88 14.96 12.31
N VAL B 204 -7.34 13.73 12.36
CA VAL B 204 -6.62 12.67 13.05
C VAL B 204 -6.29 11.58 12.03
N SER B 205 -5.15 10.93 12.26
CA SER B 205 -4.68 9.82 11.45
C SER B 205 -4.40 8.62 12.32
N GLY B 206 -4.59 7.40 11.76
CA GLY B 206 -4.22 6.19 12.47
C GLY B 206 -3.26 5.38 11.63
N ALA B 207 -2.25 4.75 12.28
CA ALA B 207 -1.17 4.16 11.53
C ALA B 207 -0.71 2.82 12.10
N CYS B 208 0.13 2.14 11.32
CA CYS B 208 0.76 0.88 11.73
C CYS B 208 1.92 1.04 12.69
N ASP B 209 2.22 2.27 13.11
CA ASP B 209 3.07 2.48 14.28
C ASP B 209 2.24 2.42 15.56
N ALA B 210 0.97 2.02 15.48
CA ALA B 210 0.07 1.81 16.61
C ALA B 210 -0.19 3.14 17.32
N SER B 211 -0.13 4.23 16.57
CA SER B 211 -0.42 5.55 17.11
C SER B 211 -1.47 6.26 16.27
N ALA B 212 -2.20 7.16 16.95
CA ALA B 212 -3.08 8.12 16.31
C ALA B 212 -2.51 9.50 16.57
N LYS B 213 -2.51 10.35 15.55
CA LYS B 213 -1.96 11.69 15.62
C LYS B 213 -3.05 12.69 15.28
N LEU B 214 -3.10 13.76 16.07
CA LEU B 214 -3.92 14.93 15.80
C LEU B 214 -3.06 16.00 15.14
N TRP B 215 -3.54 16.48 13.98
CA TRP B 215 -2.80 17.42 13.16
C TRP B 215 -3.61 18.71 13.01
N ASP B 216 -2.85 19.79 12.98
CA ASP B 216 -3.37 21.09 12.65
C ASP B 216 -3.28 21.30 11.14
N VAL B 217 -4.45 21.39 10.49
CA VAL B 217 -4.48 21.41 9.03
C VAL B 217 -3.67 22.59 8.47
N ARG B 218 -3.90 23.79 9.04
CA ARG B 218 -3.32 25.01 8.49
C ARG B 218 -1.89 25.26 8.99
N GLU B 219 -1.53 24.73 10.17
CA GLU B 219 -0.20 24.99 10.72
C GLU B 219 0.79 23.88 10.35
N GLY B 220 0.27 22.70 10.02
CA GLY B 220 1.09 21.64 9.46
C GLY B 220 1.76 20.75 10.51
N MET B 221 1.50 20.96 11.81
CA MET B 221 2.20 20.18 12.83
C MET B 221 1.26 19.16 13.46
N CYS B 222 1.89 18.16 14.08
CA CYS B 222 1.22 17.25 14.99
C CYS B 222 1.11 17.94 16.35
N ARG B 223 -0.12 18.04 16.85
CA ARG B 223 -0.36 18.63 18.15
C ARG B 223 -0.29 17.60 19.28
N GLN B 224 -0.85 16.42 19.06
CA GLN B 224 -0.96 15.37 20.08
C GLN B 224 -0.83 13.99 19.45
N THR B 225 -0.18 13.08 20.17
CA THR B 225 -0.01 11.68 19.75
C THR B 225 -0.62 10.79 20.83
N PHE B 226 -1.34 9.75 20.41
CA PHE B 226 -2.02 8.79 21.26
C PHE B 226 -1.54 7.39 20.90
N THR B 227 -1.25 6.54 21.88
N THR B 227 -1.26 6.55 21.91
CA THR B 227 -0.81 5.18 21.55
CA THR B 227 -0.84 5.17 21.70
C THR B 227 -2.01 4.25 21.63
C THR B 227 -2.07 4.24 21.62
N GLY B 228 -2.00 3.28 20.70
CA GLY B 228 -3.05 2.27 20.56
C GLY B 228 -2.58 0.87 20.93
N HIS B 229 -1.68 0.76 21.91
CA HIS B 229 -1.33 -0.55 22.46
C HIS B 229 -0.83 -1.53 21.39
N GLU B 230 0.13 -1.08 20.59
CA GLU B 230 0.99 -1.94 19.76
C GLU B 230 0.16 -2.82 18.82
N SER B 231 -0.97 -2.25 18.34
CA SER B 231 -1.79 -2.88 17.32
C SER B 231 -2.02 -1.85 16.20
N ASP B 232 -1.96 -2.28 14.95
CA ASP B 232 -2.18 -1.37 13.84
C ASP B 232 -3.58 -0.75 13.91
N ILE B 233 -3.63 0.57 13.67
CA ILE B 233 -4.92 1.25 13.59
C ILE B 233 -5.36 1.25 12.13
N ASN B 234 -6.47 0.58 11.82
CA ASN B 234 -6.96 0.50 10.46
C ASN B 234 -8.02 1.54 10.10
N ALA B 235 -8.64 2.13 11.13
CA ALA B 235 -9.80 3.01 10.95
C ALA B 235 -9.88 4.00 12.11
N ILE B 236 -10.39 5.19 11.79
CA ILE B 236 -10.43 6.28 12.74
C ILE B 236 -11.62 7.18 12.39
N CYS B 237 -12.26 7.74 13.44
N CYS B 237 -12.23 7.79 13.42
CA CYS B 237 -13.41 8.61 13.24
CA CYS B 237 -13.43 8.58 13.24
C CYS B 237 -13.52 9.62 14.39
C CYS B 237 -13.60 9.58 14.39
N PHE B 238 -13.93 10.83 14.05
CA PHE B 238 -14.19 11.86 15.06
C PHE B 238 -15.52 11.64 15.75
N PHE B 239 -15.55 11.96 17.05
CA PHE B 239 -16.80 12.15 17.78
C PHE B 239 -17.42 13.47 17.30
N PRO B 240 -18.77 13.54 17.20
CA PRO B 240 -19.41 14.66 16.49
C PRO B 240 -19.21 16.09 17.00
N ASN B 241 -18.82 16.26 18.27
CA ASN B 241 -18.49 17.59 18.78
C ASN B 241 -17.02 17.96 18.54
N GLY B 242 -16.23 17.07 17.92
CA GLY B 242 -14.85 17.36 17.58
C GLY B 242 -13.85 17.26 18.75
N ASN B 243 -14.28 16.82 19.94
CA ASN B 243 -13.42 16.87 21.13
C ASN B 243 -12.90 15.47 21.51
N ALA B 244 -13.23 14.46 20.71
CA ALA B 244 -12.79 13.08 20.95
C ALA B 244 -12.80 12.34 19.61
N PHE B 245 -12.21 11.14 19.58
CA PHE B 245 -12.22 10.32 18.37
C PHE B 245 -12.07 8.86 18.79
N ALA B 246 -12.37 7.96 17.86
CA ALA B 246 -12.29 6.53 18.10
C ALA B 246 -11.47 5.89 17.00
N THR B 247 -10.81 4.79 17.39
CA THR B 247 -10.00 3.98 16.51
C THR B 247 -10.52 2.54 16.49
N GLY B 248 -10.25 1.85 15.37
CA GLY B 248 -10.43 0.41 15.25
C GLY B 248 -9.12 -0.22 14.77
N SER B 249 -8.75 -1.32 15.44
CA SER B 249 -7.40 -1.87 15.29
C SER B 249 -7.44 -3.34 14.90
N ASP B 250 -6.25 -3.86 14.59
CA ASP B 250 -6.10 -5.27 14.30
C ASP B 250 -6.48 -6.18 15.46
N ASP B 251 -6.31 -5.71 16.72
CA ASP B 251 -6.52 -6.53 17.90
C ASP B 251 -7.98 -6.57 18.37
N ALA B 252 -8.92 -6.40 17.43
CA ALA B 252 -10.32 -6.65 17.69
C ALA B 252 -10.91 -5.62 18.66
N THR B 253 -10.20 -4.50 18.87
CA THR B 253 -10.59 -3.55 19.88
C THR B 253 -10.81 -2.17 19.26
N CYS B 254 -11.89 -1.50 19.70
CA CYS B 254 -12.07 -0.09 19.42
C CYS B 254 -11.66 0.68 20.67
N ARG B 255 -11.20 1.93 20.46
CA ARG B 255 -10.74 2.75 21.58
C ARG B 255 -11.25 4.17 21.37
N LEU B 256 -11.68 4.79 22.48
CA LEU B 256 -12.08 6.20 22.48
C LEU B 256 -10.98 7.02 23.16
N PHE B 257 -10.61 8.14 22.52
CA PHE B 257 -9.61 9.07 23.01
C PHE B 257 -10.22 10.46 23.12
N ASP B 258 -9.90 11.14 24.20
CA ASP B 258 -10.37 12.50 24.45
C ASP B 258 -9.22 13.48 24.21
N LEU B 259 -9.45 14.50 23.39
CA LEU B 259 -8.41 15.46 23.03
C LEU B 259 -8.04 16.38 24.20
N ARG B 260 -9.02 16.91 24.94
CA ARG B 260 -8.72 17.91 25.94
C ARG B 260 -8.18 17.28 27.23
N ALA B 261 -8.57 16.04 27.55
CA ALA B 261 -7.96 15.28 28.63
C ALA B 261 -6.68 14.58 28.16
N ASP B 262 -6.47 14.53 26.84
CA ASP B 262 -5.24 14.07 26.21
C ASP B 262 -4.94 12.60 26.56
N GLN B 263 -5.95 11.74 26.49
CA GLN B 263 -5.76 10.34 26.81
C GLN B 263 -6.95 9.47 26.39
N GLU B 264 -6.69 8.16 26.37
CA GLU B 264 -7.68 7.12 26.15
C GLU B 264 -8.70 7.12 27.30
N LEU B 265 -9.99 7.00 26.96
CA LEU B 265 -11.05 6.94 27.96
C LEU B 265 -11.70 5.57 28.09
N MET B 266 -11.73 4.78 27.00
N MET B 266 -11.73 4.78 27.00
CA MET B 266 -12.55 3.58 27.00
CA MET B 266 -12.57 3.60 26.97
C MET B 266 -12.12 2.66 25.88
C MET B 266 -12.10 2.65 25.87
N THR B 267 -12.26 1.35 26.14
CA THR B 267 -12.10 0.33 25.13
C THR B 267 -13.41 -0.42 24.94
N TYR B 268 -13.58 -1.01 23.74
CA TYR B 268 -14.77 -1.74 23.34
C TYR B 268 -14.32 -3.06 22.70
N SER B 269 -14.59 -4.17 23.39
CA SER B 269 -14.15 -5.48 22.90
C SER B 269 -14.89 -6.57 23.67
N HIS B 270 -14.98 -7.76 23.07
CA HIS B 270 -15.36 -9.01 23.71
C HIS B 270 -14.22 -10.02 23.52
N ASP B 271 -13.94 -10.84 24.53
CA ASP B 271 -12.84 -11.78 24.42
C ASP B 271 -13.09 -12.81 23.32
N ASN B 272 -14.36 -13.08 22.98
CA ASN B 272 -14.66 -14.09 21.97
C ASN B 272 -14.73 -13.50 20.55
N ILE B 273 -14.29 -12.24 20.37
CA ILE B 273 -14.08 -11.62 19.07
C ILE B 273 -12.60 -11.28 18.95
N ILE B 274 -11.86 -11.95 18.05
CA ILE B 274 -10.41 -11.77 17.98
C ILE B 274 -9.94 -11.24 16.62
N CYS B 275 -10.88 -10.99 15.73
CA CYS B 275 -10.55 -10.59 14.38
C CYS B 275 -10.34 -9.09 14.27
N GLY B 276 -9.76 -8.69 13.14
CA GLY B 276 -9.47 -7.30 12.88
C GLY B 276 -10.72 -6.46 12.68
N ILE B 277 -10.56 -5.17 12.99
CA ILE B 277 -11.53 -4.14 12.69
C ILE B 277 -11.05 -3.34 11.47
N THR B 278 -12.01 -3.07 10.57
CA THR B 278 -11.70 -2.42 9.31
C THR B 278 -12.19 -0.97 9.23
N SER B 279 -13.11 -0.59 10.12
CA SER B 279 -13.95 0.58 9.86
C SER B 279 -14.63 0.97 11.18
N VAL B 280 -14.79 2.29 11.40
CA VAL B 280 -15.50 2.81 12.58
C VAL B 280 -16.27 4.06 12.16
N SER B 281 -17.41 4.26 12.83
CA SER B 281 -18.17 5.49 12.72
C SER B 281 -19.02 5.66 13.97
N PHE B 282 -19.21 6.92 14.41
CA PHE B 282 -20.23 7.20 15.40
C PHE B 282 -21.57 7.42 14.72
N SER B 283 -22.64 7.22 15.50
CA SER B 283 -23.96 7.70 15.13
C SER B 283 -24.02 9.22 15.32
N LYS B 284 -25.11 9.85 14.88
CA LYS B 284 -25.19 11.30 14.78
C LYS B 284 -24.97 11.97 16.15
N SER B 285 -25.51 11.40 17.23
CA SER B 285 -25.40 11.96 18.57
C SER B 285 -24.10 11.55 19.27
N GLY B 286 -23.36 10.61 18.70
CA GLY B 286 -22.15 10.09 19.33
C GLY B 286 -22.40 8.93 20.30
N ARG B 287 -23.66 8.56 20.58
CA ARG B 287 -23.96 7.58 21.62
C ARG B 287 -23.60 6.17 21.18
N LEU B 288 -23.69 5.88 19.87
CA LEU B 288 -23.34 4.58 19.32
C LEU B 288 -22.04 4.71 18.52
N LEU B 289 -21.18 3.70 18.74
CA LEU B 289 -19.97 3.49 17.94
C LEU B 289 -20.13 2.20 17.14
N LEU B 290 -20.12 2.33 15.81
CA LEU B 290 -20.31 1.19 14.93
C LEU B 290 -18.94 0.81 14.35
N ALA B 291 -18.68 -0.50 14.27
CA ALA B 291 -17.40 -0.95 13.78
C ALA B 291 -17.64 -2.16 12.87
N GLY B 292 -16.83 -2.22 11.81
CA GLY B 292 -16.87 -3.33 10.87
C GLY B 292 -15.72 -4.31 11.14
N TYR B 293 -16.03 -5.60 11.03
CA TYR B 293 -15.09 -6.65 11.45
C TYR B 293 -14.81 -7.64 10.32
N ASP B 294 -13.62 -8.25 10.41
CA ASP B 294 -13.20 -9.27 9.46
C ASP B 294 -14.06 -10.54 9.55
N ASP B 295 -14.81 -10.73 10.64
CA ASP B 295 -15.70 -11.88 10.84
C ASP B 295 -17.07 -11.72 10.16
N PHE B 296 -17.25 -10.63 9.38
CA PHE B 296 -18.34 -10.40 8.42
C PHE B 296 -19.49 -9.63 9.07
N ASN B 297 -19.32 -9.23 10.32
CA ASN B 297 -20.34 -8.50 11.03
C ASN B 297 -19.93 -7.05 11.30
N CYS B 298 -20.94 -6.21 11.56
N CYS B 298 -20.96 -6.26 11.59
CA CYS B 298 -20.77 -4.91 12.21
CA CYS B 298 -20.80 -5.01 12.29
C CYS B 298 -21.29 -5.05 13.64
C CYS B 298 -21.29 -5.16 13.71
N ASN B 299 -20.51 -4.59 14.62
CA ASN B 299 -20.94 -4.52 16.00
C ASN B 299 -21.20 -3.05 16.32
N VAL B 300 -22.29 -2.84 17.06
CA VAL B 300 -22.74 -1.53 17.50
C VAL B 300 -22.53 -1.45 19.02
N TRP B 301 -21.67 -0.52 19.44
CA TRP B 301 -21.31 -0.35 20.83
C TRP B 301 -21.97 0.91 21.42
N ASP B 302 -22.31 0.81 22.71
CA ASP B 302 -22.67 1.98 23.48
C ASP B 302 -21.38 2.73 23.85
N ALA B 303 -21.15 3.88 23.21
CA ALA B 303 -19.91 4.63 23.35
C ALA B 303 -19.71 5.10 24.78
N LEU B 304 -20.79 5.35 25.54
CA LEU B 304 -20.67 5.86 26.90
C LEU B 304 -20.46 4.75 27.92
N LYS B 305 -21.04 3.56 27.68
CA LYS B 305 -21.07 2.53 28.72
C LYS B 305 -20.24 1.28 28.36
N ALA B 306 -19.85 1.16 27.10
CA ALA B 306 -18.96 0.12 26.55
C ALA B 306 -19.62 -1.23 26.26
N ASP B 307 -20.91 -1.40 26.53
CA ASP B 307 -21.61 -2.64 26.27
C ASP B 307 -21.91 -2.69 24.78
N ARG B 308 -21.95 -3.91 24.24
CA ARG B 308 -22.41 -4.08 22.87
C ARG B 308 -23.93 -3.96 22.85
N ALA B 309 -24.43 -3.10 21.96
CA ALA B 309 -25.86 -2.80 21.87
C ALA B 309 -26.54 -3.59 20.75
N GLY B 310 -25.79 -3.97 19.71
CA GLY B 310 -26.38 -4.76 18.66
C GLY B 310 -25.36 -5.23 17.61
N VAL B 311 -25.86 -5.98 16.63
N VAL B 311 -25.88 -5.90 16.57
CA VAL B 311 -25.05 -6.46 15.53
CA VAL B 311 -25.10 -6.60 15.55
C VAL B 311 -25.80 -6.19 14.24
C VAL B 311 -25.79 -6.45 14.20
N LEU B 312 -25.03 -6.03 13.17
CA LEU B 312 -25.51 -6.09 11.79
C LEU B 312 -24.82 -7.27 11.13
N ALA B 313 -25.60 -8.32 10.83
CA ALA B 313 -25.06 -9.54 10.23
C ALA B 313 -25.74 -9.78 8.88
N GLY B 314 -25.14 -9.27 7.79
CA GLY B 314 -25.76 -9.36 6.46
C GLY B 314 -24.74 -9.61 5.35
N HIS B 315 -23.56 -10.07 5.71
CA HIS B 315 -22.51 -10.23 4.71
C HIS B 315 -21.88 -11.61 4.85
N ASP B 316 -21.35 -12.10 3.72
CA ASP B 316 -20.74 -13.41 3.64
C ASP B 316 -19.22 -13.34 3.53
N ASN B 317 -18.66 -12.15 3.70
CA ASN B 317 -17.23 -11.93 3.74
C ASN B 317 -16.98 -10.66 4.58
N ARG B 318 -15.72 -10.27 4.74
CA ARG B 318 -15.35 -9.17 5.62
C ARG B 318 -16.24 -7.96 5.36
N VAL B 319 -16.58 -7.24 6.43
CA VAL B 319 -17.10 -5.89 6.30
C VAL B 319 -15.87 -4.99 6.23
N SER B 320 -15.66 -4.35 5.09
CA SER B 320 -14.47 -3.60 4.77
C SER B 320 -14.59 -2.12 5.07
N CYS B 321 -15.84 -1.65 5.14
CA CYS B 321 -16.10 -0.23 5.18
C CYS B 321 -17.52 0.00 5.71
N LEU B 322 -17.72 1.17 6.30
CA LEU B 322 -19.05 1.58 6.67
C LEU B 322 -19.10 3.10 6.71
N GLY B 323 -20.34 3.59 6.79
CA GLY B 323 -20.53 5.01 6.89
C GLY B 323 -21.95 5.32 7.36
N VAL B 324 -22.05 6.36 8.17
CA VAL B 324 -23.33 6.85 8.68
C VAL B 324 -23.64 8.15 7.96
N THR B 325 -24.89 8.26 7.49
CA THR B 325 -25.32 9.49 6.81
C THR B 325 -25.21 10.72 7.71
N ASP B 326 -25.00 11.88 7.09
CA ASP B 326 -24.98 13.15 7.80
C ASP B 326 -26.29 13.42 8.53
N ASP B 327 -27.44 12.99 7.97
CA ASP B 327 -28.72 13.17 8.65
C ASP B 327 -28.98 12.12 9.74
N GLY B 328 -28.04 11.18 9.89
CA GLY B 328 -28.12 10.15 10.92
C GLY B 328 -29.09 9.01 10.62
N MET B 329 -29.74 9.03 9.45
N MET B 329 -29.78 9.04 9.47
CA MET B 329 -30.87 8.16 9.15
CA MET B 329 -30.89 8.14 9.16
C MET B 329 -30.44 6.72 8.86
C MET B 329 -30.45 6.71 8.84
N ALA B 330 -29.22 6.52 8.36
CA ALA B 330 -28.83 5.20 7.90
C ALA B 330 -27.33 4.93 8.04
N VAL B 331 -27.05 3.62 8.09
N VAL B 331 -27.00 3.64 8.15
CA VAL B 331 -25.73 3.03 8.05
CA VAL B 331 -25.63 3.19 8.04
C VAL B 331 -25.56 2.28 6.73
C VAL B 331 -25.50 2.29 6.82
N ALA B 332 -24.43 2.49 6.07
CA ALA B 332 -24.06 1.62 4.96
C ALA B 332 -22.94 0.72 5.41
N THR B 333 -22.99 -0.56 5.00
CA THR B 333 -21.87 -1.47 5.10
C THR B 333 -21.44 -1.89 3.70
N GLY B 334 -20.13 -1.96 3.46
CA GLY B 334 -19.61 -2.54 2.24
C GLY B 334 -18.74 -3.74 2.58
N SER B 335 -18.64 -4.67 1.63
CA SER B 335 -18.05 -5.96 1.95
C SER B 335 -17.23 -6.56 0.81
N TRP B 336 -16.28 -7.39 1.25
CA TRP B 336 -15.57 -8.29 0.35
C TRP B 336 -16.49 -9.25 -0.39
N ASP B 337 -17.77 -9.39 0.03
CA ASP B 337 -18.72 -10.26 -0.66
C ASP B 337 -19.32 -9.59 -1.91
N SER B 338 -18.90 -8.35 -2.21
CA SER B 338 -19.26 -7.59 -3.41
C SER B 338 -20.55 -6.75 -3.25
N PHE B 339 -21.20 -6.79 -2.07
CA PHE B 339 -22.44 -6.05 -1.84
C PHE B 339 -22.26 -4.92 -0.82
N LEU B 340 -23.09 -3.86 -0.98
CA LEU B 340 -23.35 -2.93 0.12
C LEU B 340 -24.75 -3.17 0.64
N LYS B 341 -24.95 -2.89 1.93
CA LYS B 341 -26.27 -2.93 2.53
C LYS B 341 -26.49 -1.63 3.29
N ILE B 342 -27.74 -1.15 3.23
CA ILE B 342 -28.16 0.03 3.94
C ILE B 342 -29.10 -0.41 5.04
N TRP B 343 -28.82 0.05 6.28
CA TRP B 343 -29.52 -0.42 7.46
C TRP B 343 -30.10 0.75 8.25
N ASN B 344 -31.23 0.49 8.90
CA ASN B 344 -31.72 1.33 10.00
C ASN B 344 -32.92 0.67 10.68
N ALA C 7 23.20 13.62 11.40
CA ALA C 7 22.24 12.67 10.78
C ALA C 7 21.17 12.28 11.81
N SER C 8 21.58 11.50 12.82
CA SER C 8 20.68 11.01 13.85
C SER C 8 20.41 12.08 14.91
N ILE C 9 21.35 13.02 15.07
CA ILE C 9 21.23 14.11 16.02
C ILE C 9 20.08 15.03 15.60
N ALA C 10 19.90 15.22 14.29
CA ALA C 10 18.83 16.04 13.73
C ALA C 10 17.46 15.41 13.98
N GLN C 11 17.32 14.10 13.69
CA GLN C 11 16.10 13.37 13.99
C GLN C 11 15.80 13.43 15.50
N ALA C 12 16.83 13.22 16.33
CA ALA C 12 16.67 13.22 17.78
C ALA C 12 16.25 14.60 18.30
N ARG C 13 16.80 15.68 17.73
CA ARG C 13 16.38 17.02 18.12
C ARG C 13 14.93 17.26 17.71
N LYS C 14 14.53 16.75 16.54
CA LYS C 14 13.16 16.90 16.08
C LYS C 14 12.22 16.19 17.06
N LEU C 15 12.60 15.01 17.55
CA LEU C 15 11.75 14.29 18.46
C LEU C 15 11.57 15.10 19.75
N VAL C 16 12.68 15.63 20.28
CA VAL C 16 12.64 16.41 21.51
C VAL C 16 11.72 17.61 21.35
N GLU C 17 11.86 18.32 20.23
CA GLU C 17 11.06 19.53 20.03
C GLU C 17 9.59 19.14 19.97
N GLN C 18 9.28 18.04 19.30
CA GLN C 18 7.91 17.56 19.21
C GLN C 18 7.36 17.21 20.60
N LEU C 19 8.16 16.52 21.42
CA LEU C 19 7.71 16.11 22.74
C LEU C 19 7.45 17.33 23.64
N LYS C 20 8.26 18.39 23.50
CA LYS C 20 8.03 19.63 24.24
C LYS C 20 6.68 20.26 23.85
N MET C 21 6.38 20.24 22.56
CA MET C 21 5.13 20.77 22.06
C MET C 21 3.96 19.97 22.63
N GLU C 22 4.10 18.65 22.72
CA GLU C 22 3.05 17.77 23.20
C GLU C 22 2.91 17.91 24.72
N ALA C 23 4.02 18.21 25.41
CA ALA C 23 4.02 18.30 26.87
C ALA C 23 3.30 19.56 27.32
N ASN C 24 3.54 20.66 26.60
CA ASN C 24 3.18 21.99 27.04
C ASN C 24 1.82 22.37 26.43
N ILE C 25 0.79 21.58 26.78
CA ILE C 25 -0.59 21.87 26.41
C ILE C 25 -1.42 21.96 27.69
N ASP C 26 -2.58 22.62 27.57
CA ASP C 26 -3.57 22.68 28.62
C ASP C 26 -4.43 21.41 28.54
N ARG C 27 -4.55 20.74 29.69
CA ARG C 27 -5.35 19.53 29.79
C ARG C 27 -6.47 19.75 30.81
N ILE C 28 -7.61 19.10 30.58
CA ILE C 28 -8.70 19.11 31.55
C ILE C 28 -8.76 17.76 32.25
N LYS C 29 -9.55 17.74 33.33
CA LYS C 29 -9.84 16.55 34.09
C LYS C 29 -10.65 15.57 33.26
N VAL C 30 -10.35 14.28 33.39
CA VAL C 30 -11.15 13.26 32.73
C VAL C 30 -12.60 13.37 33.18
N SER C 31 -12.84 13.73 34.45
CA SER C 31 -14.20 13.86 34.95
C SER C 31 -14.98 14.89 34.13
N LYS C 32 -14.33 15.99 33.75
N LYS C 32 -14.34 16.01 33.79
CA LYS C 32 -15.01 17.05 33.01
CA LYS C 32 -14.98 17.06 32.99
C LYS C 32 -15.13 16.67 31.54
C LYS C 32 -15.18 16.56 31.56
N ALA C 33 -14.10 16.03 30.98
CA ALA C 33 -14.15 15.54 29.61
C ALA C 33 -15.31 14.55 29.43
N ALA C 34 -15.45 13.61 30.37
CA ALA C 34 -16.49 12.60 30.36
C ALA C 34 -17.88 13.22 30.51
N ALA C 35 -18.03 14.12 31.49
CA ALA C 35 -19.31 14.80 31.69
C ALA C 35 -19.73 15.52 30.42
N ASP C 36 -18.78 16.11 29.68
CA ASP C 36 -19.09 16.86 28.47
C ASP C 36 -19.53 15.92 27.34
N LEU C 37 -18.90 14.74 27.20
CA LEU C 37 -19.32 13.79 26.20
C LEU C 37 -20.73 13.30 26.54
N MET C 38 -20.96 12.98 27.80
CA MET C 38 -22.26 12.49 28.24
C MET C 38 -23.33 13.56 27.99
N ALA C 39 -23.03 14.80 28.34
CA ALA C 39 -23.98 15.89 28.12
C ALA C 39 -24.29 16.06 26.63
N TYR C 40 -23.28 15.89 25.77
CA TYR C 40 -23.49 16.03 24.34
C TYR C 40 -24.47 14.96 23.85
N CYS C 41 -24.20 13.70 24.20
CA CYS C 41 -25.07 12.60 23.81
C CYS C 41 -26.51 12.88 24.27
N GLU C 42 -26.67 13.31 25.52
CA GLU C 42 -28.00 13.56 26.06
C GLU C 42 -28.71 14.68 25.29
N ALA C 43 -27.97 15.74 24.94
CA ALA C 43 -28.56 16.89 24.28
C ALA C 43 -28.97 16.57 22.84
N HIS C 44 -28.32 15.56 22.23
CA HIS C 44 -28.53 15.27 20.82
C HIS C 44 -29.25 13.94 20.61
N ALA C 45 -29.66 13.25 21.68
CA ALA C 45 -30.24 11.91 21.56
C ALA C 45 -31.50 11.91 20.69
N LYS C 46 -32.37 12.93 20.85
CA LYS C 46 -33.62 13.01 20.11
C LYS C 46 -33.37 13.20 18.60
N GLU C 47 -32.19 13.73 18.23
CA GLU C 47 -31.87 14.03 16.84
C GLU C 47 -31.22 12.83 16.13
N ASP C 48 -31.08 11.69 16.83
CA ASP C 48 -30.29 10.57 16.36
C ASP C 48 -31.22 9.41 15.97
N PRO C 49 -31.50 9.23 14.67
CA PRO C 49 -32.43 8.19 14.22
C PRO C 49 -32.04 6.74 14.51
N LEU C 50 -30.75 6.48 14.73
CA LEU C 50 -30.28 5.12 14.95
C LEU C 50 -30.47 4.73 16.41
N LEU C 51 -30.56 5.76 17.25
CA LEU C 51 -30.76 5.58 18.68
C LEU C 51 -32.25 5.70 19.01
N THR C 52 -32.89 6.72 18.40
CA THR C 52 -34.24 7.15 18.68
C THR C 52 -35.08 6.98 17.41
N PRO C 53 -35.76 5.81 17.23
CA PRO C 53 -36.51 5.53 16.01
C PRO C 53 -37.39 6.69 15.55
N VAL C 54 -37.30 7.05 14.25
CA VAL C 54 -38.20 8.04 13.69
C VAL C 54 -39.43 7.32 13.11
N PRO C 55 -40.58 8.03 13.05
CA PRO C 55 -41.77 7.47 12.38
C PRO C 55 -41.46 6.98 10.97
N ALA C 56 -42.14 5.92 10.54
CA ALA C 56 -41.92 5.32 9.23
C ALA C 56 -41.99 6.40 8.14
N SER C 57 -42.94 7.33 8.28
CA SER C 57 -43.14 8.39 7.29
C SER C 57 -41.94 9.33 7.21
N GLU C 58 -41.11 9.39 8.27
CA GLU C 58 -39.92 10.23 8.23
C GLU C 58 -38.69 9.43 7.80
N ASN C 59 -38.82 8.11 7.66
CA ASN C 59 -37.68 7.26 7.28
C ASN C 59 -37.67 7.06 5.76
N PRO C 60 -36.71 7.65 5.01
CA PRO C 60 -36.71 7.55 3.56
C PRO C 60 -36.50 6.11 3.06
N PHE C 61 -35.96 5.24 3.92
CA PHE C 61 -35.71 3.87 3.53
C PHE C 61 -36.89 2.93 3.81
N ARG C 62 -38.01 3.46 4.33
CA ARG C 62 -39.24 2.71 4.53
C ARG C 62 -40.38 3.26 3.66
N GLU C 63 -40.24 4.48 3.13
CA GLU C 63 -41.31 5.10 2.37
C GLU C 63 -41.60 4.27 1.12
N LYS C 64 -42.88 3.97 0.88
CA LYS C 64 -43.27 3.28 -0.35
C LYS C 64 -43.03 4.20 -1.56
N LYS C 65 -42.79 5.49 -1.29
CA LYS C 65 -42.43 6.47 -2.31
C LYS C 65 -41.32 5.93 -3.21
N PHE C 66 -40.27 5.39 -2.59
CA PHE C 66 -39.11 4.87 -3.32
C PHE C 66 -39.19 3.34 -3.39
C1 EDO D . 10.58 -1.71 -9.69
O1 EDO D . 11.23 -2.82 -9.08
C2 EDO D . 10.59 -1.76 -11.21
O2 EDO D . 11.86 -1.55 -11.84
C1 EDO E . 8.61 -8.19 1.02
O1 EDO E . 7.93 -9.34 1.44
C2 EDO E . 7.95 -7.54 -0.13
O2 EDO E . 6.76 -6.87 0.24
C1 EDO F . -19.78 -14.12 -21.73
O1 EDO F . -20.93 -14.41 -21.00
C2 EDO F . -19.93 -13.44 -23.01
O2 EDO F . -18.77 -13.27 -23.76
C1 EDO G . 15.05 -23.08 -21.37
O1 EDO G . 15.74 -21.94 -20.80
C2 EDO G . 15.13 -23.23 -22.86
O2 EDO G . 16.38 -22.85 -23.44
PB GDP H . 13.83 -7.04 -10.50
O1B GDP H . 13.24 -8.31 -9.98
O2B GDP H . 14.52 -6.16 -9.43
O3B GDP H . 12.85 -6.25 -11.34
O3A GDP H . 15.04 -7.54 -11.49
PA GDP H . 15.44 -6.89 -12.89
O1A GDP H . 15.47 -5.39 -12.77
O2A GDP H . 14.61 -7.53 -13.97
O5' GDP H . 16.92 -7.47 -13.07
C5' GDP H . 18.08 -6.79 -12.54
C4' GDP H . 19.12 -6.54 -13.60
O4' GDP H . 19.61 -7.79 -14.11
C3' GDP H . 18.64 -5.74 -14.83
O3' GDP H . 19.68 -4.95 -15.38
C2' GDP H . 18.21 -6.88 -15.76
O2' GDP H . 18.14 -6.52 -17.11
C1' GDP H . 19.31 -7.91 -15.49
N9 GDP H . 18.88 -9.28 -15.77
C8 GDP H . 17.66 -9.87 -15.48
N7 GDP H . 17.59 -11.13 -15.82
C5 GDP H . 18.85 -11.38 -16.39
C6 GDP H . 19.40 -12.60 -16.90
O6 GDP H . 18.85 -13.71 -16.97
N1 GDP H . 20.70 -12.41 -17.33
C2 GDP H . 21.42 -11.24 -17.30
N2 GDP H . 22.67 -11.27 -17.79
N3 GDP H . 20.92 -10.09 -16.79
C4 GDP H . 19.64 -10.25 -16.35
ZN ZN I . 6.31 -25.33 -17.66
CL CL J . 4.78 -24.16 -16.58
N DAM K . 6.19 -1.64 -19.31
CM DAM K . 6.24 -2.82 -20.15
CA DAM K . 5.07 -1.24 -18.75
CB DAM K . 5.08 -1.43 -17.44
C DAM K . 4.05 -0.65 -19.51
O DAM K . 4.10 -0.64 -20.76
C HF2 L . 7.27 -0.58 -19.66
O HF2 L . 8.18 -0.81 -20.46
CA HF2 L . 7.34 0.75 -18.91
OA HF2 L . 7.49 1.82 -19.80
CB HF2 L . 8.52 0.81 -17.95
CG HF2 L . 8.52 -0.28 -16.92
CZ HF2 L . 8.53 -2.26 -14.98
CD1 HF2 L . 8.01 -0.04 -15.66
CD2 HF2 L . 9.06 -1.53 -17.20
CE1 HF2 L . 8.01 -1.03 -14.70
CE2 HF2 L . 9.05 -2.52 -16.23
C7 UDL M . 4.12 5.38 -23.01
C1 UDL M . 8.63 5.81 -21.13
C5 UDL M . 6.49 2.69 -20.30
C6 UDL M . 5.20 4.39 -22.64
C4 UDL M . 6.99 3.84 -21.14
C3 UDL M . 9.09 5.42 -22.53
O3 UDL M . 5.41 3.36 -23.28
C2 UDL M . 9.75 6.47 -20.33
N UDL M . 5.89 4.68 -21.54
O2 UDL M . 5.36 2.48 -19.90
C UDL M . 8.07 4.61 -20.38
O UDL M . 7.48 5.08 -19.16
N OTH N . 6.10 5.40 -16.78
C OTH N . 8.16 4.88 -18.09
CA OTH N . 7.56 5.65 -16.90
O OTH N . 9.23 4.24 -17.96
OG1 OTH N . 7.39 5.62 -14.48
CB OTH N . 8.27 5.31 -15.58
C22 OTH N . 7.74 4.95 -13.24
CG2 OTH N . 9.57 6.09 -15.46
C24 OTH N . 5.19 6.55 -16.63
C HL2 O . 5.68 4.04 -16.70
N HL2 O . 3.55 3.53 -17.67
O HL2 O . 6.45 3.10 -16.84
CA HL2 O . 4.24 3.72 -16.39
CB HL2 O . 4.08 2.52 -15.47
CG HL2 O . 4.81 2.59 -14.14
OH HL2 O . 2.68 2.40 -15.22
CD1 HL2 O . 4.69 1.28 -13.39
CD2 HL2 O . 4.31 3.74 -13.27
C HL2 P . 2.09 1.26 -15.45
N HL2 P . -0.15 0.20 -15.48
O HL2 P . 2.51 0.21 -15.91
CA HL2 P . 0.66 1.28 -14.90
CB HL2 P . 0.63 1.28 -13.37
CG HL2 P . -0.78 1.40 -12.78
OH HL2 P . 1.28 0.07 -12.97
CD1 HL2 P . -0.80 1.16 -11.31
CD2 HL2 P . -1.38 2.76 -13.08
C1 EDO Q . -3.14 8.13 25.95
O1 EDO Q . -3.98 7.20 26.59
C2 EDO Q . -2.69 7.71 24.61
O2 EDO Q . -1.29 7.87 24.43
C1 EDO R . 6.17 12.16 0.31
O1 EDO R . 6.00 10.92 0.97
C2 EDO R . 4.94 12.92 0.07
O2 EDO R . 3.82 12.62 0.89
C1 EDO S . -6.00 -0.33 26.84
O1 EDO S . -5.79 1.07 27.08
C2 EDO S . -6.22 -0.59 25.42
O2 EDO S . -5.94 -1.97 25.09
N MAA T . 2.09 2.72 -19.99
CM MAA T . 2.59 2.47 -21.35
CA MAA T . 1.93 4.14 -19.62
CB MAA T . 0.55 4.69 -19.93
C MAA T . 2.35 4.36 -18.15
O MAA T . 1.78 5.08 -17.32
N ALA U . 2.77 -0.32 -18.84
CA ALA U . 1.58 0.22 -19.54
C ALA U . 1.42 1.71 -19.15
O ALA U . 0.95 2.00 -18.05
CB ALA U . 0.40 -0.61 -19.17
C1 PPI V . -1.33 0.36 -16.14
C2 PPI V . -2.12 -0.87 -16.51
C3 PPI V . -3.38 -1.05 -15.79
O1 PPI V . -1.82 1.48 -16.37
S DMS W . -36.22 -1.22 -2.71
O DMS W . -36.19 0.20 -3.21
C1 DMS W . -36.43 -2.25 -4.13
C2 DMS W . -37.82 -1.48 -1.98
S DMS X . -40.87 -2.00 7.40
O DMS X . -42.04 -2.71 6.78
C1 DMS X . -41.38 -1.49 9.01
C2 DMS X . -40.79 -0.43 6.59
S DMS Y . -35.07 5.33 11.81
O DMS Y . -35.08 5.91 13.19
C1 DMS Y . -35.33 3.56 11.97
C2 DMS Y . -33.36 5.35 11.28
#